data_6ISH
#
_entry.id   6ISH
#
_cell.length_a   207.654
_cell.length_b   207.654
_cell.length_c   207.654
_cell.angle_alpha   90.00
_cell.angle_beta   90.00
_cell.angle_gamma   90.00
#
_symmetry.space_group_name_H-M   'I 2 3'
#
loop_
_entity.id
_entity.type
_entity.pdbx_description
1 polymer 'DNA polymerase'
2 polymer "DNA (5'-D(P*GP*CP*GP*GP*AP*CP*TP*GP*CP*TP*TP*AP*CP*CP*(DAL))-3')"
3 polymer "DNA (5'-D(*AP*CP*TP*GP*GP*TP*AP*AP*GP*CP*AP*GP*TP*CP*CP*GP*C)-3')"
4 non-polymer PYROPHOSPHATE
5 non-polymer 'CALCIUM ION'
6 non-polymer '[(2R,3S,5R)-5-(6-aminopurin-9-yl)-2-(phosphonooxymethyl)oxolan-3-yl] 3-(2-ethoxyethoxy)propanoate'
7 water water
#
loop_
_entity_poly.entity_id
_entity_poly.type
_entity_poly.pdbx_seq_one_letter_code
_entity_poly.pdbx_strand_id
1 'polypeptide(L)'
;MILDTDYITENGKPVIRVFKKENGEFKIEYDRTFEPYFYALLKDDSAIEDVKKVTAKRHGTVVKVKRAEKVQKKFLGRPI
EVWKLYFNHPQDVPAIRDRIRAHPAVVDIYEYDIPFAKRYLIDKGLIPMEGDEELTMLAFAIATLYHEGEEFGTGPILMI
SYADGSEARVITWKKIDLPYVDVVSTEKEMIKRFLRVVREKDPDVLITYNGDNFDFAYLKKRCEELGIKFTLGRDGSEPK
IQRMGDRFAVEVKGRIHFDLYPVIRRTINLPTYTLEAVYEAVFGKPKEKVYAEEIAQAWESGEGLERVARYSMEDAKVTY
ELGREFFPMEAQLSRLIGQSLWDVSRSSTGNLVEWFLLRKAYKRNELAPNKPDERELARRRGGYAGGYVKEPERGLWDNI
VYLDFRSLYPSIIITHNVSPDTLNREGCKEYDVAPEVGHKFCKDFPGFIPSLLGDLLEERQKIKRKMKATVDPLEKKLLD
YRQRLIKILANSFYGYYGYAKARWYCKECAESVTAWGREYIEMVIRELEEKFGFKVLYADTDGLHATIPGADAETVKKKA
KEFLKYINPKLPGLLELEYEGFYVRGFFVTKKKYAVIDEEGKITTRGLEIVRRDWSEIAKETQARVLEAILKHGDVEEAV
RIVKEVTEKLSKYEVPPEKLVIHEQITRDLRDYKATGPHVAVAKRLAARGVKIRPGTVISYIVLKGSGRIGDRAIPADEF
DPTKHRYDAEYYIENQVLPAVERILKAFGYRKEDLRYQKTKQVGLGAWLKVKGKKLEHHHHHH
;
A
2 'polydeoxyribonucleotide' (DG)(DC)(DG)(DG)(DA)(DC)(DT)(DG)(DC)(DT)(DT)(DA)(DC)(DC) C
3 'polydeoxyribonucleotide' (DA)(DC)(DT)(DG)(DG)(DT)(DA)(DA)(DG)(DC)(DA)(DG)(DT)(DC)(DC)(DG)(DC) D
#
loop_
_chem_comp.id
_chem_comp.type
_chem_comp.name
_chem_comp.formula
B9X non-polymer '[(2R,3S,5R)-5-(6-aminopurin-9-yl)-2-(phosphonooxymethyl)oxolan-3-yl] 3-(2-ethoxyethoxy)propanoate' 'C17 H26 N5 O9 P'
CA non-polymer 'CALCIUM ION' 'Ca 2'
DA DNA linking 2'-DEOXYADENOSINE-5'-MONOPHOSPHATE 'C10 H14 N5 O6 P'
DC DNA linking 2'-DEOXYCYTIDINE-5'-MONOPHOSPHATE 'C9 H14 N3 O7 P'
DG DNA linking 2'-DEOXYGUANOSINE-5'-MONOPHOSPHATE 'C10 H14 N5 O7 P'
DT DNA linking THYMIDINE-5'-MONOPHOSPHATE 'C10 H15 N2 O8 P'
PPV non-polymer PYROPHOSPHATE 'H4 O7 P2'
#
# COMPACT_ATOMS: atom_id res chain seq x y z
N MET A 1 -20.18 17.81 1.51
CA MET A 1 -19.37 16.64 1.03
C MET A 1 -20.13 15.33 1.33
N ILE A 2 -19.96 14.32 0.47
CA ILE A 2 -20.52 12.95 0.65
C ILE A 2 -19.51 12.13 1.44
N LEU A 3 -19.97 11.39 2.47
CA LEU A 3 -19.12 10.53 3.33
C LEU A 3 -19.03 9.13 2.70
N ASP A 4 -20.16 8.41 2.63
CA ASP A 4 -20.25 7.04 2.07
C ASP A 4 -21.70 6.76 1.67
N THR A 5 -22.00 5.51 1.25
CA THR A 5 -23.35 5.02 0.91
C THR A 5 -23.54 3.58 1.43
N ASP A 6 -24.76 3.26 1.88
CA ASP A 6 -25.24 1.87 2.13
C ASP A 6 -26.75 1.85 1.87
N TYR A 7 -27.41 0.71 2.10
CA TYR A 7 -28.88 0.55 1.94
C TYR A 7 -29.46 -0.20 3.15
N ILE A 8 -30.66 0.22 3.57
CA ILE A 8 -31.51 -0.48 4.58
C ILE A 8 -32.72 -1.08 3.85
N THR A 9 -33.32 -2.12 4.42
CA THR A 9 -34.45 -2.89 3.84
C THR A 9 -35.77 -2.42 4.46
N GLU A 10 -36.31 -1.29 3.97
CA GLU A 10 -37.57 -0.67 4.47
C GLU A 10 -38.77 -1.43 3.90
N ASN A 11 -39.22 -2.47 4.62
CA ASN A 11 -40.48 -3.22 4.35
C ASN A 11 -40.39 -3.90 2.98
N GLY A 12 -39.37 -4.74 2.78
CA GLY A 12 -39.17 -5.56 1.56
C GLY A 12 -38.29 -4.85 0.54
N LYS A 13 -38.56 -3.58 0.25
CA LYS A 13 -37.85 -2.76 -0.76
C LYS A 13 -36.53 -2.26 -0.18
N PRO A 14 -35.47 -2.09 -1.00
CA PRO A 14 -34.20 -1.51 -0.54
C PRO A 14 -34.16 0.02 -0.71
N VAL A 15 -33.82 0.75 0.36
CA VAL A 15 -33.70 2.23 0.38
C VAL A 15 -32.21 2.60 0.46
N ILE A 16 -31.70 3.32 -0.55
CA ILE A 16 -30.27 3.75 -0.64
C ILE A 16 -30.09 5.04 0.15
N ARG A 17 -29.16 5.04 1.13
CA ARG A 17 -28.79 6.22 1.94
C ARG A 17 -27.51 6.85 1.37
N VAL A 18 -27.43 8.18 1.39
CA VAL A 18 -26.25 8.98 0.90
C VAL A 18 -25.75 9.85 2.05
N PHE A 19 -25.13 9.23 3.07
CA PHE A 19 -24.51 9.89 4.24
C PHE A 19 -23.61 11.04 3.76
N LYS A 20 -23.91 12.27 4.19
CA LYS A 20 -23.20 13.50 3.73
C LYS A 20 -23.09 14.50 4.89
N LYS A 21 -22.26 15.53 4.71
CA LYS A 21 -22.18 16.72 5.60
C LYS A 21 -22.10 17.99 4.74
N GLU A 22 -23.10 18.86 4.86
CA GLU A 22 -23.22 20.14 4.11
C GLU A 22 -23.79 21.22 5.04
N ASN A 23 -23.36 22.48 4.86
CA ASN A 23 -23.78 23.66 5.67
C ASN A 23 -23.46 23.40 7.16
N GLY A 24 -22.33 22.75 7.44
CA GLY A 24 -21.84 22.44 8.79
C GLY A 24 -22.78 21.57 9.58
N GLU A 25 -23.51 20.67 8.91
CA GLU A 25 -24.51 19.77 9.53
C GLU A 25 -24.52 18.41 8.80
N PHE A 26 -24.69 17.32 9.55
CA PHE A 26 -24.71 15.91 9.05
C PHE A 26 -26.13 15.55 8.62
N LYS A 27 -26.31 15.18 7.35
CA LYS A 27 -27.62 14.81 6.74
C LYS A 27 -27.57 13.35 6.26
N ILE A 28 -28.74 12.68 6.23
CA ILE A 28 -28.92 11.31 5.68
C ILE A 28 -29.99 11.37 4.58
N GLU A 29 -29.57 11.52 3.32
CA GLU A 29 -30.46 11.57 2.13
C GLU A 29 -30.78 10.13 1.69
N TYR A 30 -32.04 9.73 1.79
CA TYR A 30 -32.57 8.39 1.39
C TYR A 30 -32.94 8.43 -0.10
N ASP A 31 -33.08 7.25 -0.72
CA ASP A 31 -33.40 7.12 -2.17
C ASP A 31 -33.94 5.70 -2.44
N ARG A 32 -35.23 5.60 -2.74
CA ARG A 32 -35.94 4.33 -3.07
C ARG A 32 -36.14 4.21 -4.60
N THR A 33 -35.71 5.23 -5.36
CA THR A 33 -35.91 5.36 -6.83
C THR A 33 -34.99 4.39 -7.59
N PHE A 34 -33.82 4.06 -7.01
CA PHE A 34 -32.79 3.19 -7.63
C PHE A 34 -33.23 1.72 -7.54
N GLU A 35 -32.94 0.94 -8.59
CA GLU A 35 -33.25 -0.51 -8.68
C GLU A 35 -31.99 -1.25 -9.15
N PRO A 36 -31.67 -2.44 -8.58
CA PRO A 36 -30.52 -3.23 -9.04
C PRO A 36 -30.63 -3.65 -10.51
N TYR A 37 -29.50 -3.76 -11.22
CA TYR A 37 -29.42 -4.26 -12.62
C TYR A 37 -28.23 -5.21 -12.78
N PHE A 38 -28.19 -5.89 -13.94
CA PHE A 38 -27.20 -6.96 -14.30
C PHE A 38 -27.42 -7.35 -15.77
N TYR A 39 -26.33 -7.45 -16.54
CA TYR A 39 -26.34 -7.65 -18.01
C TYR A 39 -26.19 -9.14 -18.35
N ALA A 40 -26.94 -9.59 -19.36
CA ALA A 40 -26.92 -10.96 -19.92
C ALA A 40 -26.95 -10.89 -21.46
N LEU A 41 -26.35 -11.89 -22.12
CA LEU A 41 -26.25 -11.97 -23.61
C LEU A 41 -26.86 -13.30 -24.09
N LEU A 42 -28.05 -13.25 -24.70
CA LEU A 42 -28.77 -14.41 -25.26
C LEU A 42 -28.36 -14.60 -26.74
N LYS A 43 -28.33 -15.85 -27.22
CA LYS A 43 -27.94 -16.21 -28.60
C LYS A 43 -28.99 -15.71 -29.59
N ASP A 44 -30.28 -15.85 -29.24
CA ASP A 44 -31.44 -15.39 -30.04
C ASP A 44 -32.30 -14.46 -29.18
N ASP A 45 -32.39 -13.18 -29.56
CA ASP A 45 -33.08 -12.09 -28.81
C ASP A 45 -34.52 -12.51 -28.49
N SER A 46 -35.24 -13.05 -29.48
CA SER A 46 -36.68 -13.41 -29.42
C SER A 46 -37.00 -14.19 -28.14
N ALA A 47 -36.13 -15.14 -27.75
CA ALA A 47 -36.31 -16.03 -26.59
C ALA A 47 -35.77 -15.37 -25.32
N ILE A 48 -36.38 -14.25 -24.92
CA ILE A 48 -36.08 -13.49 -23.66
C ILE A 48 -37.02 -13.98 -22.55
N GLU A 49 -38.24 -14.41 -22.91
CA GLU A 49 -39.30 -14.88 -21.97
C GLU A 49 -38.91 -16.26 -21.41
N ASP A 50 -38.29 -17.12 -22.23
CA ASP A 50 -37.83 -18.48 -21.86
C ASP A 50 -36.76 -18.37 -20.76
N VAL A 51 -35.84 -17.40 -20.90
CA VAL A 51 -34.74 -17.14 -19.93
C VAL A 51 -35.33 -16.54 -18.63
N LYS A 52 -36.34 -15.67 -18.77
CA LYS A 52 -37.02 -14.99 -17.63
C LYS A 52 -37.84 -16.02 -16.81
N LYS A 53 -38.12 -17.18 -17.39
CA LYS A 53 -38.80 -18.33 -16.71
C LYS A 53 -37.93 -18.83 -15.55
N VAL A 54 -36.61 -18.67 -15.64
CA VAL A 54 -35.62 -19.11 -14.61
C VAL A 54 -35.86 -18.34 -13.30
N THR A 55 -36.29 -19.06 -12.26
CA THR A 55 -36.41 -18.57 -10.86
C THR A 55 -35.23 -19.13 -10.05
N ALA A 56 -34.99 -18.57 -8.86
CA ALA A 56 -33.84 -18.93 -7.97
C ALA A 56 -34.31 -19.06 -6.53
N LYS A 57 -33.99 -20.19 -5.89
CA LYS A 57 -34.32 -20.48 -4.47
C LYS A 57 -33.41 -19.63 -3.57
N ARG A 58 -34.02 -18.78 -2.72
CA ARG A 58 -33.32 -17.91 -1.73
C ARG A 58 -33.77 -18.28 -0.32
N HIS A 59 -32.98 -17.91 0.69
CA HIS A 59 -33.25 -18.14 2.13
C HIS A 59 -34.55 -17.44 2.54
N GLY A 60 -34.80 -16.24 1.98
CA GLY A 60 -36.03 -15.45 2.21
C GLY A 60 -36.93 -15.45 0.99
N THR A 61 -37.96 -16.29 0.98
CA THR A 61 -38.98 -16.41 -0.10
C THR A 61 -38.32 -16.84 -1.41
N VAL A 62 -38.96 -16.56 -2.55
CA VAL A 62 -38.44 -16.84 -3.92
C VAL A 62 -38.15 -15.51 -4.63
N VAL A 63 -37.37 -15.56 -5.72
CA VAL A 63 -36.93 -14.37 -6.51
C VAL A 63 -36.95 -14.70 -8.00
N LYS A 64 -37.29 -13.71 -8.84
CA LYS A 64 -37.32 -13.80 -10.33
C LYS A 64 -37.03 -12.42 -10.92
N VAL A 65 -36.69 -12.36 -12.21
CA VAL A 65 -36.34 -11.11 -12.95
C VAL A 65 -37.53 -10.14 -12.88
N LYS A 66 -37.39 -9.05 -12.11
CA LYS A 66 -38.46 -8.04 -11.88
C LYS A 66 -38.91 -7.46 -13.23
N ARG A 67 -37.95 -7.05 -14.07
CA ARG A 67 -38.19 -6.60 -15.48
C ARG A 67 -36.90 -6.81 -16.29
N ALA A 68 -36.93 -6.46 -17.57
CA ALA A 68 -35.81 -6.62 -18.53
C ALA A 68 -35.91 -5.56 -19.64
N GLU A 69 -34.83 -5.38 -20.41
CA GLU A 69 -34.76 -4.42 -21.55
C GLU A 69 -33.46 -4.63 -22.34
N LYS A 70 -33.53 -4.41 -23.66
CA LYS A 70 -32.36 -4.47 -24.58
C LYS A 70 -31.61 -3.14 -24.51
N VAL A 71 -30.33 -3.18 -24.07
CA VAL A 71 -29.44 -1.99 -23.95
C VAL A 71 -28.36 -2.07 -25.04
N GLN A 72 -28.21 -1.02 -25.83
CA GLN A 72 -27.21 -0.91 -26.93
C GLN A 72 -25.88 -0.41 -26.36
N LYS A 73 -25.03 -1.33 -25.90
CA LYS A 73 -23.74 -1.04 -25.21
C LYS A 73 -22.57 -1.26 -26.18
N LYS A 74 -21.34 -1.19 -25.65
CA LYS A 74 -20.09 -1.59 -26.34
C LYS A 74 -19.29 -2.52 -25.42
N PHE A 75 -18.46 -3.40 -25.99
CA PHE A 75 -17.52 -4.29 -25.26
C PHE A 75 -16.19 -4.35 -25.99
N LEU A 76 -15.12 -3.87 -25.33
CA LEU A 76 -13.78 -3.61 -25.93
C LEU A 76 -13.95 -2.80 -27.22
N GLY A 77 -14.83 -1.79 -27.19
CA GLY A 77 -15.10 -0.88 -28.33
C GLY A 77 -16.16 -1.44 -29.27
N ARG A 78 -15.98 -2.70 -29.71
CA ARG A 78 -16.92 -3.42 -30.62
C ARG A 78 -18.33 -3.37 -30.03
N PRO A 79 -19.30 -2.70 -30.70
CA PRO A 79 -20.68 -2.63 -30.22
C PRO A 79 -21.30 -4.02 -29.93
N ILE A 80 -22.12 -4.09 -28.89
CA ILE A 80 -22.80 -5.33 -28.40
C ILE A 80 -24.09 -4.93 -27.69
N GLU A 81 -25.24 -5.42 -28.15
CA GLU A 81 -26.58 -5.22 -27.52
C GLU A 81 -26.84 -6.41 -26.57
N VAL A 82 -27.37 -6.12 -25.37
CA VAL A 82 -27.49 -7.11 -24.25
C VAL A 82 -28.80 -6.90 -23.51
N TRP A 83 -29.27 -7.93 -22.80
CA TRP A 83 -30.47 -7.93 -21.92
C TRP A 83 -30.06 -7.49 -20.50
N LYS A 84 -30.46 -6.28 -20.10
CA LYS A 84 -30.22 -5.70 -18.75
C LYS A 84 -31.33 -6.18 -17.81
N LEU A 85 -31.12 -7.29 -17.10
CA LEU A 85 -32.11 -7.96 -16.22
C LEU A 85 -32.14 -7.26 -14.86
N TYR A 86 -33.18 -6.48 -14.58
CA TYR A 86 -33.42 -5.78 -13.29
C TYR A 86 -33.85 -6.81 -12.24
N PHE A 87 -33.75 -6.47 -10.95
CA PHE A 87 -34.16 -7.33 -9.81
C PHE A 87 -34.87 -6.47 -8.76
N ASN A 88 -35.67 -7.10 -7.89
CA ASN A 88 -36.50 -6.42 -6.86
C ASN A 88 -35.59 -5.97 -5.70
N HIS A 89 -34.77 -6.89 -5.19
CA HIS A 89 -33.81 -6.66 -4.06
C HIS A 89 -32.41 -7.07 -4.52
N PRO A 90 -31.34 -6.33 -4.13
CA PRO A 90 -29.99 -6.63 -4.60
C PRO A 90 -29.44 -7.98 -4.12
N GLN A 91 -29.89 -8.46 -2.95
CA GLN A 91 -29.44 -9.74 -2.34
C GLN A 91 -29.87 -10.93 -3.20
N ASP A 92 -30.85 -10.74 -4.10
CA ASP A 92 -31.38 -11.76 -5.04
C ASP A 92 -30.48 -11.84 -6.29
N VAL A 93 -29.71 -10.79 -6.57
CA VAL A 93 -28.76 -10.68 -7.72
C VAL A 93 -27.77 -11.85 -7.71
N PRO A 94 -27.06 -12.10 -6.57
CA PRO A 94 -26.10 -13.21 -6.51
C PRO A 94 -26.69 -14.62 -6.41
N ALA A 95 -28.01 -14.73 -6.22
CA ALA A 95 -28.74 -16.02 -6.10
C ALA A 95 -29.10 -16.56 -7.48
N ILE A 96 -29.68 -15.70 -8.34
CA ILE A 96 -30.32 -16.10 -9.63
C ILE A 96 -29.34 -15.93 -10.80
N ARG A 97 -28.03 -15.88 -10.54
CA ARG A 97 -27.01 -15.56 -11.58
C ARG A 97 -26.35 -16.86 -12.06
N ASP A 98 -25.94 -17.75 -11.14
CA ASP A 98 -25.29 -19.04 -11.47
C ASP A 98 -26.26 -19.91 -12.29
N ARG A 99 -27.57 -19.73 -12.08
CA ARG A 99 -28.65 -20.37 -12.89
C ARG A 99 -28.82 -19.61 -14.20
N ILE A 100 -29.15 -18.31 -14.13
CA ILE A 100 -29.40 -17.41 -15.30
C ILE A 100 -28.25 -17.53 -16.30
N ARG A 101 -27.03 -17.72 -15.82
CA ARG A 101 -25.80 -17.86 -16.64
C ARG A 101 -25.79 -19.26 -17.31
N ALA A 102 -25.71 -20.32 -16.50
CA ALA A 102 -25.56 -21.73 -16.92
C ALA A 102 -26.49 -22.05 -18.09
N HIS A 103 -27.72 -21.51 -18.06
CA HIS A 103 -28.78 -21.64 -19.11
C HIS A 103 -28.14 -21.63 -20.50
N PRO A 104 -28.40 -22.65 -21.35
CA PRO A 104 -27.79 -22.72 -22.69
C PRO A 104 -28.16 -21.55 -23.62
N ALA A 105 -29.29 -20.88 -23.37
CA ALA A 105 -29.78 -19.71 -24.14
C ALA A 105 -28.83 -18.52 -23.96
N VAL A 106 -28.41 -18.25 -22.71
CA VAL A 106 -27.53 -17.10 -22.32
C VAL A 106 -26.07 -17.49 -22.58
N VAL A 107 -25.34 -16.63 -23.30
CA VAL A 107 -23.90 -16.81 -23.65
C VAL A 107 -23.03 -16.59 -22.40
N ASP A 108 -23.23 -15.46 -21.70
CA ASP A 108 -22.40 -15.06 -20.53
C ASP A 108 -23.16 -14.03 -19.69
N ILE A 109 -22.73 -13.85 -18.43
CA ILE A 109 -23.25 -12.83 -17.47
C ILE A 109 -22.17 -11.75 -17.29
N TYR A 110 -22.57 -10.48 -17.17
CA TYR A 110 -21.66 -9.29 -17.08
C TYR A 110 -22.13 -8.30 -16.01
N GLU A 111 -21.19 -7.81 -15.18
CA GLU A 111 -21.39 -6.77 -14.13
C GLU A 111 -22.37 -7.28 -13.07
N TYR A 112 -22.09 -8.45 -12.49
CA TYR A 112 -22.97 -9.15 -11.52
C TYR A 112 -22.43 -9.05 -10.09
N ASP A 113 -21.17 -8.62 -9.91
CA ASP A 113 -20.44 -8.70 -8.61
C ASP A 113 -20.21 -7.31 -8.01
N ILE A 114 -20.74 -6.25 -8.63
CA ILE A 114 -20.59 -4.84 -8.15
C ILE A 114 -21.59 -4.61 -7.01
N PRO A 115 -21.12 -4.24 -5.79
CA PRO A 115 -22.03 -3.97 -4.67
C PRO A 115 -23.03 -2.84 -4.95
N PHE A 116 -24.27 -2.99 -4.47
CA PHE A 116 -25.40 -2.06 -4.72
C PHE A 116 -25.02 -0.65 -4.27
N ALA A 117 -24.55 -0.51 -3.03
CA ALA A 117 -24.16 0.78 -2.40
C ALA A 117 -23.14 1.50 -3.30
N LYS A 118 -22.11 0.77 -3.77
CA LYS A 118 -21.03 1.29 -4.64
C LYS A 118 -21.58 1.54 -6.05
N ARG A 119 -22.49 0.67 -6.53
CA ARG A 119 -23.10 0.77 -7.89
C ARG A 119 -23.83 2.11 -8.02
N TYR A 120 -24.68 2.46 -7.05
CA TYR A 120 -25.42 3.74 -6.98
C TYR A 120 -24.45 4.90 -7.26
N LEU A 121 -23.36 4.98 -6.50
CA LEU A 121 -22.36 6.08 -6.56
C LEU A 121 -21.71 6.15 -7.95
N ILE A 122 -21.52 5.00 -8.60
CA ILE A 122 -20.92 4.89 -9.97
C ILE A 122 -21.89 5.49 -11.00
N ASP A 123 -23.17 5.11 -10.94
CA ASP A 123 -24.21 5.47 -11.94
C ASP A 123 -24.63 6.93 -11.79
N LYS A 124 -24.97 7.35 -10.56
CA LYS A 124 -25.47 8.71 -10.24
C LYS A 124 -24.38 9.75 -10.56
N GLY A 125 -23.12 9.33 -10.65
CA GLY A 125 -21.97 10.20 -10.95
C GLY A 125 -21.60 11.06 -9.76
N LEU A 126 -21.90 10.59 -8.55
CA LEU A 126 -21.63 11.28 -7.26
C LEU A 126 -20.20 10.94 -6.81
N ILE A 127 -19.48 11.93 -6.28
CA ILE A 127 -18.03 11.85 -5.91
C ILE A 127 -17.90 12.07 -4.40
N PRO A 128 -17.48 11.03 -3.63
CA PRO A 128 -17.16 11.21 -2.21
C PRO A 128 -16.07 12.26 -1.96
N MET A 129 -16.23 13.04 -0.88
CA MET A 129 -15.24 14.05 -0.39
C MET A 129 -15.02 15.12 -1.47
N GLU A 130 -16.00 16.02 -1.63
CA GLU A 130 -15.95 17.21 -2.52
C GLU A 130 -16.41 18.45 -1.75
N GLY A 131 -15.77 19.60 -1.98
CA GLY A 131 -16.13 20.89 -1.36
C GLY A 131 -15.57 21.02 0.05
N ASP A 132 -15.14 22.22 0.43
CA ASP A 132 -14.45 22.52 1.71
C ASP A 132 -15.45 22.47 2.87
N GLU A 133 -15.39 21.40 3.67
CA GLU A 133 -16.20 21.21 4.92
C GLU A 133 -15.28 20.66 6.01
N GLU A 134 -15.27 21.30 7.19
CA GLU A 134 -14.46 20.90 8.36
C GLU A 134 -15.10 19.68 9.03
N LEU A 135 -14.43 18.53 8.96
CA LEU A 135 -14.87 17.25 9.60
C LEU A 135 -14.21 17.11 10.96
N THR A 136 -15.01 17.01 12.03
CA THR A 136 -14.53 16.73 13.41
C THR A 136 -14.08 15.27 13.49
N MET A 137 -12.93 15.02 14.11
CA MET A 137 -12.33 13.67 14.29
C MET A 137 -12.17 13.37 15.79
N LEU A 138 -12.04 12.09 16.12
CA LEU A 138 -11.75 11.61 17.50
C LEU A 138 -10.89 10.35 17.41
N ALA A 139 -9.69 10.39 17.98
CA ALA A 139 -8.80 9.23 18.14
C ALA A 139 -9.17 8.53 19.46
N PHE A 140 -9.07 7.20 19.50
CA PHE A 140 -9.22 6.40 20.73
C PHE A 140 -8.29 5.17 20.64
N ALA A 141 -7.83 4.71 21.81
CA ALA A 141 -6.93 3.55 21.98
C ALA A 141 -7.22 2.88 23.32
N ILE A 142 -6.79 1.62 23.48
CA ILE A 142 -7.13 0.77 24.65
C ILE A 142 -5.87 0.08 25.19
N ALA A 143 -5.81 -0.15 26.50
CA ALA A 143 -4.78 -0.95 27.21
C ALA A 143 -5.48 -2.13 27.89
N THR A 144 -5.02 -3.35 27.62
CA THR A 144 -5.62 -4.63 28.08
C THR A 144 -4.61 -5.41 28.91
N LEU A 145 -5.10 -6.18 29.90
CA LEU A 145 -4.27 -7.11 30.72
C LEU A 145 -4.09 -8.41 29.93
N TYR A 146 -3.04 -8.46 29.09
CA TYR A 146 -2.71 -9.61 28.22
C TYR A 146 -1.78 -10.58 28.95
N HIS A 147 -2.10 -11.88 28.88
CA HIS A 147 -1.22 -13.02 29.28
C HIS A 147 -0.88 -13.82 28.02
N GLU A 148 -0.09 -14.89 28.16
CA GLU A 148 0.43 -15.70 27.04
C GLU A 148 -0.65 -16.67 26.54
N GLY A 149 -1.12 -16.48 25.30
CA GLY A 149 -1.98 -17.42 24.56
C GLY A 149 -3.33 -17.65 25.23
N GLU A 150 -3.92 -16.62 25.85
CA GLU A 150 -5.31 -16.66 26.37
C GLU A 150 -6.27 -16.60 25.18
N GLU A 151 -7.56 -16.85 25.40
CA GLU A 151 -8.64 -16.51 24.44
C GLU A 151 -8.67 -14.98 24.32
N PHE A 152 -9.06 -14.46 23.15
CA PHE A 152 -8.86 -13.04 22.75
C PHE A 152 -9.37 -12.08 23.82
N GLY A 153 -10.62 -12.24 24.26
CA GLY A 153 -11.33 -11.29 25.12
C GLY A 153 -11.20 -11.58 26.62
N THR A 154 -10.52 -12.66 27.00
CA THR A 154 -10.43 -13.17 28.40
C THR A 154 -9.97 -12.06 29.35
N GLY A 155 -8.92 -11.33 28.95
CA GLY A 155 -8.40 -10.16 29.71
C GLY A 155 -9.35 -8.97 29.65
N PRO A 156 -9.60 -8.27 30.78
CA PRO A 156 -10.41 -7.06 30.76
C PRO A 156 -9.60 -5.84 30.30
N ILE A 157 -10.27 -4.84 29.72
CA ILE A 157 -9.67 -3.53 29.34
C ILE A 157 -9.42 -2.73 30.62
N LEU A 158 -8.17 -2.34 30.89
CA LEU A 158 -7.82 -1.52 32.08
C LEU A 158 -8.19 -0.05 31.80
N MET A 159 -7.78 0.48 30.65
CA MET A 159 -7.95 1.91 30.30
C MET A 159 -8.51 2.05 28.88
N ILE A 160 -9.22 3.16 28.63
CA ILE A 160 -9.64 3.63 27.29
C ILE A 160 -9.25 5.11 27.17
N SER A 161 -8.33 5.41 26.24
CA SER A 161 -7.82 6.77 25.93
C SER A 161 -8.51 7.30 24.67
N TYR A 162 -8.86 8.58 24.66
CA TYR A 162 -9.41 9.31 23.48
C TYR A 162 -8.69 10.67 23.35
N ALA A 163 -8.63 11.20 22.14
CA ALA A 163 -7.92 12.45 21.79
C ALA A 163 -8.60 13.15 20.61
N ASP A 164 -8.61 14.49 20.63
CA ASP A 164 -9.06 15.36 19.51
C ASP A 164 -8.27 16.66 19.58
N GLY A 165 -8.67 17.67 18.79
CA GLY A 165 -8.01 18.98 18.72
C GLY A 165 -7.90 19.65 20.09
N SER A 166 -8.95 19.50 20.92
CA SER A 166 -9.12 20.23 22.21
C SER A 166 -8.33 19.55 23.34
N GLU A 167 -8.23 18.22 23.35
CA GLU A 167 -7.72 17.48 24.53
C GLU A 167 -7.39 16.02 24.20
N ALA A 168 -6.79 15.33 25.18
CA ALA A 168 -6.65 13.86 25.27
C ALA A 168 -6.86 13.45 26.73
N ARG A 169 -7.82 12.56 26.98
CA ARG A 169 -8.17 12.07 28.35
C ARG A 169 -8.14 10.54 28.38
N VAL A 170 -8.09 9.97 29.59
CA VAL A 170 -8.00 8.50 29.87
C VAL A 170 -9.15 8.12 30.81
N ILE A 171 -9.90 7.07 30.49
CA ILE A 171 -11.01 6.53 31.34
C ILE A 171 -10.57 5.14 31.83
N THR A 172 -10.54 4.94 33.16
CA THR A 172 -10.04 3.71 33.83
C THR A 172 -10.85 3.45 35.10
N TRP A 173 -10.66 2.30 35.75
CA TRP A 173 -11.41 1.87 36.96
C TRP A 173 -10.44 1.52 38.09
N LYS A 174 -9.32 2.23 38.16
CA LYS A 174 -8.34 2.18 39.29
C LYS A 174 -7.88 3.61 39.58
N LYS A 175 -7.65 3.93 40.86
CA LYS A 175 -7.31 5.31 41.32
C LYS A 175 -5.96 5.73 40.76
N ILE A 176 -5.96 6.59 39.74
CA ILE A 176 -4.76 7.29 39.20
C ILE A 176 -5.02 8.79 39.33
N ASP A 177 -4.26 9.46 40.20
CA ASP A 177 -4.43 10.91 40.54
C ASP A 177 -3.61 11.75 39.56
N LEU A 178 -4.11 11.87 38.31
CA LEU A 178 -3.57 12.78 37.27
C LEU A 178 -4.73 13.54 36.63
N PRO A 179 -4.51 14.80 36.18
CA PRO A 179 -5.59 15.64 35.66
C PRO A 179 -6.31 15.09 34.42
N TYR A 180 -5.62 14.31 33.58
CA TYR A 180 -6.13 13.81 32.28
C TYR A 180 -6.78 12.42 32.43
N VAL A 181 -6.84 11.88 33.66
CA VAL A 181 -7.43 10.54 33.95
C VAL A 181 -8.83 10.73 34.56
N ASP A 182 -9.78 9.88 34.14
CA ASP A 182 -11.18 9.84 34.67
C ASP A 182 -11.42 8.45 35.28
N VAL A 183 -11.54 8.36 36.60
CA VAL A 183 -11.70 7.07 37.35
C VAL A 183 -13.19 6.73 37.45
N VAL A 184 -13.59 5.59 36.89
CA VAL A 184 -14.97 5.02 36.95
C VAL A 184 -15.01 3.93 38.04
N SER A 185 -16.21 3.43 38.37
CA SER A 185 -16.48 2.43 39.42
C SER A 185 -15.93 1.05 39.01
N THR A 186 -16.27 0.62 37.79
CA THR A 186 -15.99 -0.74 37.24
C THR A 186 -15.57 -0.63 35.76
N GLU A 187 -15.28 -1.76 35.12
CA GLU A 187 -14.90 -1.85 33.68
C GLU A 187 -16.12 -1.52 32.81
N LYS A 188 -17.28 -2.09 33.16
CA LYS A 188 -18.58 -1.84 32.49
C LYS A 188 -18.88 -0.33 32.50
N GLU A 189 -18.52 0.36 33.58
CA GLU A 189 -18.79 1.80 33.79
C GLU A 189 -17.84 2.62 32.91
N MET A 190 -16.57 2.23 32.85
CA MET A 190 -15.51 2.84 32.00
C MET A 190 -15.97 2.88 30.54
N ILE A 191 -16.48 1.77 30.01
CA ILE A 191 -17.01 1.66 28.62
C ILE A 191 -18.26 2.54 28.49
N LYS A 192 -19.24 2.33 29.36
CA LYS A 192 -20.52 3.09 29.37
C LYS A 192 -20.22 4.58 29.27
N ARG A 193 -19.16 5.06 29.95
CA ARG A 193 -18.69 6.46 29.87
C ARG A 193 -18.17 6.74 28.45
N PHE A 194 -17.13 6.03 28.02
CA PHE A 194 -16.48 6.18 26.68
C PHE A 194 -17.55 6.35 25.60
N LEU A 195 -18.63 5.58 25.67
CA LEU A 195 -19.74 5.58 24.68
C LEU A 195 -20.49 6.92 24.74
N ARG A 196 -20.71 7.46 25.94
CA ARG A 196 -21.27 8.84 26.14
C ARG A 196 -20.34 9.85 25.47
N VAL A 197 -19.06 9.81 25.80
CA VAL A 197 -18.02 10.80 25.38
C VAL A 197 -18.09 10.95 23.85
N VAL A 198 -18.06 9.83 23.12
CA VAL A 198 -18.21 9.78 21.64
C VAL A 198 -19.51 10.50 21.28
N ARG A 199 -20.65 9.98 21.74
CA ARG A 199 -22.01 10.48 21.42
C ARG A 199 -22.09 11.99 21.68
N GLU A 200 -21.69 12.44 22.87
CA GLU A 200 -21.76 13.85 23.32
C GLU A 200 -20.91 14.73 22.39
N LYS A 201 -19.74 14.24 21.97
CA LYS A 201 -18.84 14.92 21.00
C LYS A 201 -19.43 14.85 19.58
N ASP A 202 -19.91 13.66 19.19
CA ASP A 202 -20.55 13.36 17.88
C ASP A 202 -19.55 13.64 16.75
N PRO A 203 -18.42 12.91 16.69
CA PRO A 203 -17.43 13.10 15.63
C PRO A 203 -17.78 12.37 14.33
N ASP A 204 -17.39 12.95 13.19
CA ASP A 204 -17.62 12.40 11.82
C ASP A 204 -16.66 11.22 11.57
N VAL A 205 -15.46 11.30 12.14
CA VAL A 205 -14.33 10.34 11.90
C VAL A 205 -13.88 9.75 13.25
N LEU A 206 -13.62 8.44 13.27
CA LEU A 206 -12.98 7.72 14.41
C LEU A 206 -11.61 7.22 13.96
N ILE A 207 -10.53 7.73 14.57
CA ILE A 207 -9.13 7.37 14.22
C ILE A 207 -8.66 6.28 15.21
N THR A 208 -8.08 5.20 14.67
CA THR A 208 -7.43 4.10 15.44
C THR A 208 -6.08 3.75 14.78
N TYR A 209 -5.26 2.97 15.48
CA TYR A 209 -4.06 2.29 14.92
C TYR A 209 -4.24 0.78 15.10
N ASN A 210 -4.55 0.08 14.01
CA ASN A 210 -4.94 -1.35 13.97
C ASN A 210 -6.23 -1.54 14.78
N GLY A 211 -7.19 -0.62 14.63
CA GLY A 211 -8.53 -0.72 15.22
C GLY A 211 -9.36 -1.81 14.55
N ASP A 212 -9.14 -2.03 13.25
CA ASP A 212 -9.84 -3.06 12.43
C ASP A 212 -9.65 -4.44 13.08
N ASN A 213 -8.40 -4.82 13.36
CA ASN A 213 -8.01 -6.23 13.69
C ASN A 213 -7.77 -6.43 15.19
N PHE A 214 -7.90 -5.39 16.03
CA PHE A 214 -7.71 -5.51 17.50
C PHE A 214 -8.75 -4.69 18.27
N ASP A 215 -8.55 -3.38 18.36
CA ASP A 215 -9.23 -2.48 19.34
C ASP A 215 -10.74 -2.69 19.29
N PHE A 216 -11.35 -2.61 18.09
CA PHE A 216 -12.82 -2.71 17.87
C PHE A 216 -13.30 -4.14 18.14
N ALA A 217 -12.54 -5.15 17.69
CA ALA A 217 -12.85 -6.59 17.90
C ALA A 217 -12.83 -6.92 19.40
N TYR A 218 -11.87 -6.37 20.14
CA TYR A 218 -11.65 -6.61 21.58
C TYR A 218 -12.81 -6.01 22.38
N LEU A 219 -13.12 -4.74 22.15
CA LEU A 219 -14.24 -4.01 22.84
C LEU A 219 -15.55 -4.78 22.69
N LYS A 220 -15.80 -5.35 21.50
CA LYS A 220 -17.03 -6.14 21.20
C LYS A 220 -17.09 -7.34 22.14
N LYS A 221 -16.03 -8.16 22.17
CA LYS A 221 -15.91 -9.39 23.01
C LYS A 221 -16.15 -9.03 24.49
N ARG A 222 -15.60 -7.89 24.94
CA ARG A 222 -15.77 -7.36 26.32
C ARG A 222 -17.23 -6.99 26.55
N CYS A 223 -17.77 -6.11 25.69
CA CYS A 223 -19.19 -5.62 25.73
C CYS A 223 -20.15 -6.81 25.67
N GLU A 224 -19.80 -7.86 24.93
CA GLU A 224 -20.59 -9.13 24.82
C GLU A 224 -20.53 -9.87 26.16
N GLU A 225 -19.32 -10.02 26.73
CA GLU A 225 -19.07 -10.81 27.96
C GLU A 225 -19.52 -10.04 29.21
N LEU A 226 -19.84 -8.74 29.08
CA LEU A 226 -20.35 -7.88 30.19
C LEU A 226 -21.84 -7.55 29.96
N GLY A 227 -22.35 -7.73 28.75
CA GLY A 227 -23.74 -7.38 28.37
C GLY A 227 -23.90 -5.87 28.24
N ILE A 228 -23.32 -5.29 27.19
CA ILE A 228 -23.34 -3.82 26.89
C ILE A 228 -23.79 -3.61 25.45
N LYS A 229 -24.76 -2.71 25.25
CA LYS A 229 -25.16 -2.19 23.91
C LYS A 229 -24.02 -1.31 23.40
N PHE A 230 -23.04 -1.90 22.72
CA PHE A 230 -21.85 -1.23 22.13
C PHE A 230 -22.32 -0.39 20.93
N THR A 231 -23.00 0.73 21.22
CA THR A 231 -23.67 1.60 20.22
C THR A 231 -22.83 2.86 19.99
N LEU A 232 -21.96 2.82 18.97
CA LEU A 232 -21.01 3.92 18.64
C LEU A 232 -21.53 4.71 17.42
N GLY A 233 -22.39 4.11 16.59
CA GLY A 233 -22.91 4.71 15.35
C GLY A 233 -23.85 5.88 15.62
N ARG A 234 -24.03 6.75 14.62
CA ARG A 234 -24.94 7.94 14.68
C ARG A 234 -26.39 7.47 14.65
N ASP A 235 -26.68 6.38 13.93
CA ASP A 235 -28.02 5.72 13.85
C ASP A 235 -28.21 4.79 15.05
N GLY A 236 -27.32 4.86 16.05
CA GLY A 236 -27.38 4.06 17.30
C GLY A 236 -27.00 2.61 17.06
N SER A 237 -26.27 2.32 15.98
CA SER A 237 -25.91 0.95 15.52
C SER A 237 -24.64 0.47 16.23
N GLU A 238 -24.50 -0.86 16.37
CA GLU A 238 -23.25 -1.53 16.83
C GLU A 238 -22.28 -1.59 15.64
N PRO A 239 -20.94 -1.53 15.87
CA PRO A 239 -19.98 -1.63 14.78
C PRO A 239 -20.06 -2.96 14.02
N LYS A 240 -19.96 -2.92 12.68
CA LYS A 240 -19.97 -4.11 11.79
C LYS A 240 -18.53 -4.61 11.63
N ILE A 241 -18.30 -5.92 11.80
CA ILE A 241 -16.96 -6.58 11.71
C ILE A 241 -16.88 -7.35 10.39
N GLN A 242 -17.05 -6.65 9.26
CA GLN A 242 -16.98 -7.20 7.87
C GLN A 242 -15.56 -7.71 7.60
N ARG A 243 -15.43 -8.80 6.83
CA ARG A 243 -14.14 -9.49 6.53
C ARG A 243 -13.51 -8.89 5.25
N MET A 244 -12.18 -8.96 5.15
CA MET A 244 -11.38 -8.51 3.98
C MET A 244 -10.14 -9.40 3.83
N GLY A 245 -10.31 -10.61 3.29
CA GLY A 245 -9.23 -11.57 3.05
C GLY A 245 -8.69 -12.17 4.33
N ASP A 246 -7.37 -12.14 4.51
CA ASP A 246 -6.65 -12.68 5.70
C ASP A 246 -7.06 -11.90 6.96
N ARG A 247 -7.34 -10.60 6.81
CA ARG A 247 -7.71 -9.68 7.92
C ARG A 247 -9.22 -9.38 7.87
N PHE A 248 -9.71 -8.60 8.85
CA PHE A 248 -11.08 -8.01 8.88
C PHE A 248 -10.97 -6.49 8.77
N ALA A 249 -12.10 -5.84 8.48
CA ALA A 249 -12.29 -4.37 8.57
C ALA A 249 -13.51 -4.10 9.45
N VAL A 250 -13.67 -2.87 9.95
CA VAL A 250 -14.75 -2.51 10.90
C VAL A 250 -15.43 -1.23 10.43
N GLU A 251 -16.76 -1.28 10.27
CA GLU A 251 -17.64 -0.18 9.79
C GLU A 251 -18.44 0.36 10.98
N VAL A 252 -18.24 1.64 11.33
CA VAL A 252 -19.14 2.42 12.23
C VAL A 252 -20.12 3.19 11.35
N LYS A 253 -21.29 2.61 11.08
CA LYS A 253 -22.35 3.21 10.23
C LYS A 253 -22.71 4.59 10.80
N GLY A 254 -22.58 5.64 9.97
CA GLY A 254 -22.83 7.04 10.35
C GLY A 254 -21.54 7.84 10.47
N ARG A 255 -20.45 7.19 10.90
CA ARG A 255 -19.11 7.80 11.11
C ARG A 255 -18.09 7.10 10.18
N ILE A 256 -16.91 7.71 10.03
CA ILE A 256 -15.79 7.16 9.19
C ILE A 256 -14.74 6.58 10.14
N HIS A 257 -14.66 5.24 10.24
CA HIS A 257 -13.59 4.54 10.99
C HIS A 257 -12.33 4.54 10.13
N PHE A 258 -11.39 5.44 10.43
CA PHE A 258 -10.09 5.60 9.71
C PHE A 258 -9.00 4.85 10.48
N ASP A 259 -8.65 3.64 10.04
CA ASP A 259 -7.55 2.82 10.60
C ASP A 259 -6.26 3.18 9.86
N LEU A 260 -5.28 3.70 10.60
CA LEU A 260 -3.99 4.22 10.06
C LEU A 260 -3.08 3.07 9.61
N TYR A 261 -3.18 1.91 10.27
CA TYR A 261 -2.24 0.76 10.10
C TYR A 261 -2.13 0.40 8.62
N PRO A 262 -3.24 0.08 7.90
CA PRO A 262 -3.15 -0.31 6.50
C PRO A 262 -2.55 0.79 5.62
N VAL A 263 -2.86 2.06 5.94
CA VAL A 263 -2.32 3.26 5.23
C VAL A 263 -0.81 3.32 5.46
N ILE A 264 -0.40 3.44 6.73
CA ILE A 264 1.01 3.57 7.18
C ILE A 264 1.82 2.39 6.63
N ARG A 265 1.30 1.18 6.77
CA ARG A 265 1.97 -0.10 6.37
C ARG A 265 2.28 -0.07 4.87
N ARG A 266 1.41 0.56 4.07
CA ARG A 266 1.43 0.53 2.58
C ARG A 266 2.06 1.81 2.01
N THR A 267 2.52 2.73 2.87
CA THR A 267 2.99 4.09 2.49
C THR A 267 4.44 4.33 2.91
N ILE A 268 4.82 3.87 4.11
CA ILE A 268 6.19 4.05 4.69
C ILE A 268 6.83 2.66 4.84
N ASN A 269 8.09 2.52 4.41
CA ASN A 269 8.90 1.29 4.65
C ASN A 269 9.66 1.46 5.97
N LEU A 270 9.34 0.61 6.96
CA LEU A 270 10.02 0.56 8.29
C LEU A 270 10.22 -0.90 8.69
N PRO A 271 11.24 -1.22 9.52
CA PRO A 271 11.46 -2.60 9.96
C PRO A 271 10.34 -3.09 10.89
N THR A 272 9.97 -2.28 11.88
CA THR A 272 8.79 -2.47 12.76
C THR A 272 7.74 -1.41 12.44
N TYR A 273 6.46 -1.72 12.70
CA TYR A 273 5.30 -0.81 12.50
C TYR A 273 4.59 -0.60 13.84
N THR A 274 5.37 -0.55 14.93
CA THR A 274 4.93 -0.10 16.27
C THR A 274 4.53 1.38 16.16
N LEU A 275 3.52 1.81 16.93
CA LEU A 275 3.05 3.21 16.97
C LEU A 275 4.20 4.13 17.40
N GLU A 276 5.11 3.61 18.24
CA GLU A 276 6.32 4.32 18.73
C GLU A 276 7.25 4.60 17.55
N ALA A 277 7.36 3.65 16.61
CA ALA A 277 8.24 3.72 15.42
C ALA A 277 7.74 4.82 14.48
N VAL A 278 6.46 4.78 14.10
CA VAL A 278 5.88 5.62 13.00
C VAL A 278 5.83 7.09 13.46
N TYR A 279 5.65 7.34 14.76
CA TYR A 279 5.65 8.69 15.39
C TYR A 279 7.03 9.34 15.20
N GLU A 280 8.09 8.56 15.46
CA GLU A 280 9.51 8.96 15.23
C GLU A 280 9.75 9.14 13.73
N ALA A 281 9.22 8.23 12.91
CA ALA A 281 9.40 8.18 11.44
C ALA A 281 8.70 9.37 10.78
N VAL A 282 7.54 9.80 11.30
CA VAL A 282 6.69 10.86 10.69
C VAL A 282 7.03 12.23 11.30
N PHE A 283 7.15 12.31 12.63
CA PHE A 283 7.23 13.59 13.39
C PHE A 283 8.64 13.87 13.92
N GLY A 284 9.45 12.83 14.15
CA GLY A 284 10.83 12.97 14.65
C GLY A 284 10.92 12.78 16.15
N LYS A 285 9.89 13.21 16.90
CA LYS A 285 9.81 13.15 18.38
C LYS A 285 9.80 11.69 18.84
N PRO A 286 10.35 11.37 20.04
CA PRO A 286 10.39 9.99 20.53
C PRO A 286 9.11 9.62 21.27
N LYS A 287 8.90 8.32 21.52
CA LYS A 287 7.71 7.79 22.25
C LYS A 287 8.09 6.51 23.01
N GLU A 288 7.84 6.49 24.33
CA GLU A 288 8.13 5.35 25.24
C GLU A 288 7.00 4.31 25.12
N LYS A 289 7.37 3.03 25.03
CA LYS A 289 6.44 1.87 24.96
C LYS A 289 6.41 1.20 26.34
N VAL A 290 5.33 1.37 27.09
CA VAL A 290 5.08 0.64 28.38
C VAL A 290 4.52 -0.74 28.03
N TYR A 291 5.29 -1.80 28.31
CA TYR A 291 5.01 -3.20 27.87
C TYR A 291 3.95 -3.84 28.78
N ALA A 292 3.51 -5.05 28.44
CA ALA A 292 2.41 -5.78 29.09
C ALA A 292 2.86 -6.28 30.48
N GLU A 293 4.09 -6.80 30.57
CA GLU A 293 4.70 -7.24 31.86
C GLU A 293 4.64 -6.06 32.85
N GLU A 294 4.80 -4.83 32.35
CA GLU A 294 4.76 -3.58 33.15
C GLU A 294 3.30 -3.25 33.50
N ILE A 295 2.43 -3.15 32.49
CA ILE A 295 0.98 -2.83 32.61
C ILE A 295 0.35 -3.72 33.68
N ALA A 296 0.63 -5.03 33.64
CA ALA A 296 0.07 -6.06 34.55
C ALA A 296 0.56 -5.82 35.99
N GLN A 297 1.88 -5.76 36.18
CA GLN A 297 2.53 -5.55 37.51
C GLN A 297 1.96 -4.28 38.16
N ALA A 298 1.70 -3.25 37.36
CA ALA A 298 1.11 -1.96 37.78
C ALA A 298 -0.32 -2.18 38.29
N TRP A 299 -1.17 -2.80 37.48
CA TRP A 299 -2.58 -3.15 37.82
C TRP A 299 -2.59 -4.00 39.09
N GLU A 300 -1.79 -5.07 39.13
CA GLU A 300 -1.72 -6.04 40.25
C GLU A 300 -1.19 -5.36 41.52
N SER A 301 -0.26 -4.40 41.38
CA SER A 301 0.44 -3.70 42.49
C SER A 301 -0.34 -2.43 42.90
N GLY A 302 -0.79 -1.66 41.91
CA GLY A 302 -1.34 -0.31 42.10
C GLY A 302 -0.23 0.73 42.19
N GLU A 303 1.01 0.32 41.92
CA GLU A 303 2.24 1.12 42.16
C GLU A 303 2.39 2.19 41.07
N GLY A 304 2.79 1.78 39.86
CA GLY A 304 3.21 2.71 38.79
C GLY A 304 2.15 2.83 37.70
N LEU A 305 0.89 3.05 38.08
CA LEU A 305 -0.26 3.16 37.13
C LEU A 305 -0.23 4.52 36.44
N GLU A 306 0.43 5.52 37.04
CA GLU A 306 0.60 6.89 36.46
C GLU A 306 1.44 6.80 35.19
N ARG A 307 2.36 5.85 35.13
CA ARG A 307 3.24 5.60 33.95
C ARG A 307 2.42 4.89 32.87
N VAL A 308 1.62 3.89 33.25
CA VAL A 308 0.70 3.12 32.34
C VAL A 308 -0.36 4.08 31.75
N ALA A 309 -0.71 5.15 32.47
CA ALA A 309 -1.71 6.14 32.05
C ALA A 309 -1.10 7.11 31.03
N ARG A 310 0.09 7.64 31.32
CA ARG A 310 0.84 8.54 30.40
C ARG A 310 0.91 7.90 29.01
N TYR A 311 1.16 6.59 28.97
CA TYR A 311 1.22 5.76 27.74
C TYR A 311 -0.15 5.78 27.04
N SER A 312 -1.20 5.41 27.77
CA SER A 312 -2.61 5.33 27.29
C SER A 312 -3.00 6.65 26.60
N MET A 313 -2.69 7.78 27.23
CA MET A 313 -3.00 9.14 26.72
C MET A 313 -2.16 9.40 25.46
N GLU A 314 -0.83 9.30 25.57
CA GLU A 314 0.12 9.47 24.44
C GLU A 314 -0.39 8.69 23.21
N ASP A 315 -0.61 7.39 23.38
CA ASP A 315 -1.12 6.47 22.31
C ASP A 315 -2.21 7.18 21.50
N ALA A 316 -3.19 7.80 22.18
CA ALA A 316 -4.33 8.52 21.56
C ALA A 316 -3.84 9.81 20.90
N LYS A 317 -3.15 10.66 21.66
CA LYS A 317 -2.59 11.96 21.20
C LYS A 317 -1.84 11.73 19.88
N VAL A 318 -0.92 10.77 19.88
CA VAL A 318 -0.13 10.32 18.69
C VAL A 318 -1.08 9.85 17.58
N THR A 319 -2.00 8.95 17.92
CA THR A 319 -2.99 8.35 16.98
C THR A 319 -3.78 9.46 16.29
N TYR A 320 -4.16 10.51 17.04
CA TYR A 320 -4.94 11.66 16.51
C TYR A 320 -4.07 12.47 15.53
N GLU A 321 -2.84 12.77 15.93
CA GLU A 321 -1.89 13.60 15.15
C GLU A 321 -1.53 12.88 13.84
N LEU A 322 -1.38 11.55 13.89
CA LEU A 322 -1.13 10.71 12.68
C LEU A 322 -2.35 10.78 11.75
N GLY A 323 -3.56 10.66 12.30
CA GLY A 323 -4.82 10.74 11.54
C GLY A 323 -4.97 12.07 10.84
N ARG A 324 -4.79 13.17 11.60
CA ARG A 324 -4.94 14.57 11.13
C ARG A 324 -3.94 14.87 10.01
N GLU A 325 -2.83 14.12 9.95
CA GLU A 325 -1.76 14.28 8.92
C GLU A 325 -2.10 13.47 7.67
N PHE A 326 -2.53 12.21 7.84
CA PHE A 326 -2.72 11.22 6.74
C PHE A 326 -4.12 11.34 6.12
N PHE A 327 -5.14 11.68 6.92
CA PHE A 327 -6.57 11.69 6.49
C PHE A 327 -6.75 12.63 5.30
N PRO A 328 -6.22 13.87 5.31
CA PRO A 328 -6.29 14.76 4.15
C PRO A 328 -6.01 14.12 2.79
N MET A 329 -4.85 13.46 2.63
CA MET A 329 -4.40 12.88 1.34
C MET A 329 -5.27 11.68 0.98
N GLU A 330 -5.76 10.94 1.98
CA GLU A 330 -6.62 9.74 1.80
C GLU A 330 -8.00 10.19 1.34
N ALA A 331 -8.42 11.41 1.72
CA ALA A 331 -9.66 12.07 1.27
C ALA A 331 -9.55 12.44 -0.21
N GLN A 332 -8.38 12.92 -0.64
CA GLN A 332 -8.09 13.29 -2.04
C GLN A 332 -8.17 12.03 -2.92
N LEU A 333 -7.71 10.89 -2.40
CA LEU A 333 -7.78 9.57 -3.10
C LEU A 333 -9.24 9.13 -3.18
N SER A 334 -10.03 9.38 -2.13
CA SER A 334 -11.50 9.12 -2.08
C SER A 334 -12.16 9.77 -3.29
N ARG A 335 -11.83 11.04 -3.56
CA ARG A 335 -12.36 11.85 -4.69
C ARG A 335 -11.87 11.26 -6.01
N LEU A 336 -10.55 11.06 -6.13
CA LEU A 336 -9.86 10.64 -7.38
C LEU A 336 -10.41 9.29 -7.87
N ILE A 337 -10.53 8.30 -6.98
CA ILE A 337 -10.92 6.90 -7.33
C ILE A 337 -12.44 6.83 -7.48
N GLY A 338 -13.18 7.57 -6.65
CA GLY A 338 -14.65 7.69 -6.74
C GLY A 338 -15.38 6.91 -5.65
N GLN A 339 -14.67 6.09 -4.88
CA GLN A 339 -15.25 5.29 -3.76
C GLN A 339 -14.88 5.96 -2.43
N SER A 340 -15.42 5.43 -1.32
CA SER A 340 -15.36 6.03 0.03
C SER A 340 -13.92 6.02 0.57
N LEU A 341 -13.61 6.93 1.49
CA LEU A 341 -12.32 6.96 2.24
C LEU A 341 -12.13 5.64 2.98
N TRP A 342 -13.24 5.08 3.50
CA TRP A 342 -13.25 3.78 4.23
C TRP A 342 -12.74 2.66 3.34
N ASP A 343 -13.28 2.53 2.12
CA ASP A 343 -12.88 1.50 1.12
C ASP A 343 -11.45 1.79 0.65
N VAL A 344 -11.26 2.98 0.06
CA VAL A 344 -9.98 3.44 -0.56
C VAL A 344 -8.79 3.10 0.36
N SER A 345 -8.88 3.47 1.63
CA SER A 345 -7.78 3.37 2.63
C SER A 345 -7.41 1.91 2.92
N ARG A 346 -8.28 0.96 2.55
CA ARG A 346 -8.12 -0.49 2.85
C ARG A 346 -7.87 -1.29 1.58
N SER A 347 -7.73 -0.63 0.42
CA SER A 347 -7.67 -1.25 -0.93
C SER A 347 -6.23 -1.26 -1.45
N SER A 348 -5.93 -2.20 -2.35
CA SER A 348 -4.65 -2.31 -3.09
C SER A 348 -4.70 -1.41 -4.34
N THR A 349 -3.58 -1.22 -5.02
CA THR A 349 -3.48 -0.45 -6.30
C THR A 349 -4.35 -1.12 -7.35
N GLY A 350 -4.37 -2.47 -7.37
CA GLY A 350 -5.20 -3.29 -8.28
C GLY A 350 -6.68 -2.91 -8.19
N ASN A 351 -7.19 -2.74 -6.96
CA ASN A 351 -8.62 -2.45 -6.68
C ASN A 351 -8.91 -0.97 -6.97
N LEU A 352 -8.10 -0.06 -6.44
CA LEU A 352 -8.23 1.40 -6.67
C LEU A 352 -8.26 1.68 -8.18
N VAL A 353 -7.40 1.00 -8.94
CA VAL A 353 -7.34 1.08 -10.43
C VAL A 353 -8.67 0.56 -11.00
N GLU A 354 -9.07 -0.65 -10.61
CA GLU A 354 -10.27 -1.36 -11.15
C GLU A 354 -11.53 -0.54 -10.85
N TRP A 355 -11.59 0.12 -9.69
CA TRP A 355 -12.72 0.99 -9.29
C TRP A 355 -12.75 2.25 -10.15
N PHE A 356 -11.57 2.78 -10.51
CA PHE A 356 -11.40 3.95 -11.41
C PHE A 356 -11.97 3.60 -12.79
N LEU A 357 -11.66 2.39 -13.29
CA LEU A 357 -12.06 1.91 -14.64
C LEU A 357 -13.58 1.70 -14.68
N LEU A 358 -14.15 0.97 -13.72
CA LEU A 358 -15.61 0.69 -13.63
C LEU A 358 -16.40 2.00 -13.75
N ARG A 359 -15.96 3.06 -13.08
CA ARG A 359 -16.64 4.39 -13.07
C ARG A 359 -16.54 5.02 -14.46
N LYS A 360 -15.32 5.14 -14.99
CA LYS A 360 -15.04 5.78 -16.31
C LYS A 360 -15.62 4.92 -17.43
N ALA A 361 -15.77 3.60 -17.20
CA ALA A 361 -16.38 2.63 -18.15
C ALA A 361 -17.88 2.88 -18.27
N TYR A 362 -18.56 3.16 -17.15
CA TYR A 362 -20.02 3.46 -17.10
C TYR A 362 -20.29 4.72 -17.93
N LYS A 363 -19.62 5.83 -17.60
CA LYS A 363 -19.70 7.13 -18.33
C LYS A 363 -19.57 6.89 -19.84
N ARG A 364 -18.70 5.96 -20.24
CA ARG A 364 -18.32 5.69 -21.65
C ARG A 364 -19.25 4.66 -22.31
N ASN A 365 -20.19 4.07 -21.54
CA ASN A 365 -21.11 3.01 -22.02
C ASN A 365 -20.28 1.78 -22.44
N GLU A 366 -19.19 1.52 -21.72
CA GLU A 366 -18.32 0.33 -21.89
C GLU A 366 -18.79 -0.75 -20.91
N LEU A 367 -19.11 -1.95 -21.41
CA LEU A 367 -19.56 -3.11 -20.61
C LEU A 367 -18.32 -3.75 -19.96
N ALA A 368 -18.23 -3.68 -18.63
CA ALA A 368 -17.06 -4.11 -17.84
C ALA A 368 -16.87 -5.63 -17.96
N PRO A 369 -15.69 -6.11 -18.42
CA PRO A 369 -15.40 -7.54 -18.45
C PRO A 369 -15.29 -8.09 -17.02
N ASN A 370 -15.65 -9.36 -16.84
CA ASN A 370 -15.78 -10.00 -15.49
C ASN A 370 -14.40 -10.36 -14.95
N LYS A 371 -14.29 -10.46 -13.61
CA LYS A 371 -13.12 -11.03 -12.91
C LYS A 371 -12.89 -12.46 -13.41
N PRO A 372 -11.64 -12.97 -13.40
CA PRO A 372 -11.34 -14.27 -14.00
C PRO A 372 -11.84 -15.45 -13.15
N ASP A 373 -12.37 -16.49 -13.80
CA ASP A 373 -12.80 -17.76 -13.15
C ASP A 373 -11.57 -18.45 -12.58
N GLU A 374 -11.77 -19.35 -11.60
CA GLU A 374 -10.69 -20.15 -10.96
C GLU A 374 -9.86 -20.84 -12.05
N ARG A 375 -10.52 -21.40 -13.06
CA ARG A 375 -9.90 -22.08 -14.23
C ARG A 375 -9.17 -21.06 -15.10
N GLU A 376 -9.80 -19.91 -15.36
CA GLU A 376 -9.27 -18.83 -16.25
C GLU A 376 -7.98 -18.25 -15.65
N LEU A 377 -7.95 -17.98 -14.35
CA LEU A 377 -6.79 -17.40 -13.62
C LEU A 377 -5.53 -18.24 -13.89
N ALA A 378 -5.67 -19.56 -13.88
CA ALA A 378 -4.58 -20.53 -14.15
C ALA A 378 -4.24 -20.55 -15.65
N ARG A 379 -5.22 -20.20 -16.50
CA ARG A 379 -5.05 -20.09 -17.98
C ARG A 379 -4.11 -18.93 -18.30
N ARG A 380 -4.11 -17.87 -17.48
CA ARG A 380 -3.29 -16.64 -17.67
C ARG A 380 -2.18 -16.60 -16.61
N ARG A 381 -1.52 -17.74 -16.38
CA ARG A 381 -0.34 -17.87 -15.48
C ARG A 381 0.91 -18.08 -16.35
N GLY A 382 1.34 -17.03 -17.05
CA GLY A 382 2.53 -17.03 -17.92
C GLY A 382 3.26 -15.70 -17.85
N GLY A 383 4.50 -15.70 -17.33
CA GLY A 383 5.37 -14.52 -17.22
C GLY A 383 5.87 -14.04 -18.57
N TYR A 384 6.45 -12.84 -18.61
CA TYR A 384 6.93 -12.15 -19.84
C TYR A 384 8.20 -11.35 -19.54
N ALA A 385 8.85 -10.83 -20.59
CA ALA A 385 10.12 -10.06 -20.51
C ALA A 385 9.86 -8.71 -19.82
N GLY A 386 10.69 -8.36 -18.84
CA GLY A 386 10.55 -7.12 -18.05
C GLY A 386 11.44 -6.02 -18.61
N GLY A 387 12.17 -5.32 -17.74
CA GLY A 387 13.06 -4.20 -18.10
C GLY A 387 14.46 -4.68 -18.40
N TYR A 388 15.25 -3.85 -19.10
CA TYR A 388 16.70 -4.08 -19.36
C TYR A 388 17.47 -3.63 -18.11
N VAL A 389 18.41 -4.46 -17.63
CA VAL A 389 19.32 -4.11 -16.50
C VAL A 389 20.76 -4.41 -16.93
N LYS A 390 21.51 -3.36 -17.28
CA LYS A 390 22.92 -3.45 -17.73
C LYS A 390 23.79 -3.93 -16.57
N GLU A 391 24.63 -4.94 -16.82
CA GLU A 391 25.67 -5.41 -15.87
C GLU A 391 26.62 -4.25 -15.63
N PRO A 392 26.79 -3.78 -14.37
CA PRO A 392 27.51 -2.54 -14.09
C PRO A 392 29.03 -2.64 -14.31
N GLU A 393 29.62 -1.56 -14.81
CA GLU A 393 31.09 -1.31 -14.79
C GLU A 393 31.48 -1.06 -13.32
N ARG A 394 31.89 -2.12 -12.63
CA ARG A 394 32.20 -2.10 -11.17
C ARG A 394 33.40 -1.19 -10.92
N GLY A 395 33.37 -0.43 -9.83
CA GLY A 395 34.49 0.43 -9.39
C GLY A 395 34.00 1.76 -8.84
N LEU A 396 34.95 2.66 -8.53
CA LEU A 396 34.72 4.02 -7.99
C LEU A 396 35.06 5.04 -9.08
N TRP A 397 34.04 5.65 -9.69
CA TRP A 397 34.16 6.61 -10.81
C TRP A 397 33.93 8.04 -10.31
N ASP A 398 34.24 9.04 -11.15
CA ASP A 398 34.03 10.48 -10.85
C ASP A 398 33.11 11.08 -11.93
N ASN A 399 32.38 12.15 -11.57
CA ASN A 399 31.60 13.02 -12.49
C ASN A 399 30.60 12.17 -13.28
N ILE A 400 29.47 11.85 -12.66
CA ILE A 400 28.38 11.00 -13.24
C ILE A 400 27.15 11.87 -13.49
N VAL A 401 26.67 11.92 -14.72
CA VAL A 401 25.29 12.39 -15.08
C VAL A 401 24.36 11.18 -14.99
N TYR A 402 23.19 11.34 -14.38
CA TYR A 402 22.09 10.34 -14.37
C TYR A 402 20.93 10.85 -15.24
N LEU A 403 20.64 10.14 -16.34
CA LEU A 403 19.55 10.45 -17.30
C LEU A 403 18.46 9.38 -17.18
N ASP A 404 17.20 9.73 -17.44
CA ASP A 404 16.07 8.75 -17.45
C ASP A 404 14.85 9.38 -18.13
N PHE A 405 14.11 8.57 -18.91
CA PHE A 405 12.86 8.95 -19.60
C PHE A 405 11.86 9.48 -18.57
N ARG A 406 11.23 10.61 -18.87
CA ARG A 406 10.06 11.14 -18.11
C ARG A 406 8.89 10.17 -18.32
N SER A 407 8.41 9.55 -17.23
CA SER A 407 7.24 8.63 -17.19
C SER A 407 7.23 7.73 -18.42
N LEU A 408 8.13 6.73 -18.45
CA LEU A 408 8.39 5.86 -19.63
C LEU A 408 7.12 5.07 -19.99
N TYR A 409 6.74 4.09 -19.16
CA TYR A 409 5.66 3.11 -19.47
C TYR A 409 4.35 3.83 -19.80
N PRO A 410 3.90 4.85 -19.05
CA PRO A 410 2.70 5.60 -19.43
C PRO A 410 2.85 6.35 -20.76
N SER A 411 4.03 6.94 -21.00
CA SER A 411 4.37 7.64 -22.28
C SER A 411 4.25 6.66 -23.46
N ILE A 412 4.66 5.41 -23.26
CA ILE A 412 4.62 4.31 -24.28
C ILE A 412 3.17 3.90 -24.53
N ILE A 413 2.37 3.79 -23.47
CA ILE A 413 0.94 3.33 -23.52
C ILE A 413 0.11 4.35 -24.32
N ILE A 414 0.34 5.65 -24.09
CA ILE A 414 -0.35 6.76 -24.82
C ILE A 414 0.19 6.82 -26.26
N THR A 415 1.52 6.94 -26.42
CA THR A 415 2.22 7.12 -27.72
C THR A 415 1.81 6.02 -28.70
N HIS A 416 1.82 4.75 -28.27
CA HIS A 416 1.57 3.55 -29.13
C HIS A 416 0.17 2.99 -28.90
N ASN A 417 -0.71 3.74 -28.23
CA ASN A 417 -2.15 3.41 -28.06
C ASN A 417 -2.28 1.96 -27.60
N VAL A 418 -1.49 1.57 -26.59
CA VAL A 418 -1.49 0.19 -26.01
C VAL A 418 -2.72 0.05 -25.09
N SER A 419 -3.76 -0.60 -25.60
CA SER A 419 -5.05 -0.87 -24.91
C SER A 419 -5.51 -2.28 -25.27
N PRO A 420 -6.33 -2.94 -24.42
CA PRO A 420 -6.87 -4.25 -24.76
C PRO A 420 -7.94 -4.18 -25.87
N ASP A 421 -8.51 -2.99 -26.09
CA ASP A 421 -9.56 -2.72 -27.11
C ASP A 421 -8.94 -2.09 -28.36
N THR A 422 -7.61 -2.05 -28.45
CA THR A 422 -6.83 -1.60 -29.64
C THR A 422 -5.90 -2.72 -30.13
N LEU A 423 -5.83 -3.83 -29.40
CA LEU A 423 -4.91 -4.96 -29.70
C LEU A 423 -5.48 -5.76 -30.88
N ASN A 424 -4.69 -5.88 -31.97
CA ASN A 424 -5.00 -6.68 -33.18
C ASN A 424 -6.48 -6.50 -33.55
N ARG A 425 -6.86 -5.29 -33.96
CA ARG A 425 -8.22 -4.95 -34.46
C ARG A 425 -8.32 -5.37 -35.94
N GLU A 426 -9.54 -5.37 -36.49
CA GLU A 426 -9.83 -5.73 -37.89
C GLU A 426 -9.75 -4.46 -38.75
N GLY A 427 -8.79 -4.41 -39.69
CA GLY A 427 -8.69 -3.41 -40.76
C GLY A 427 -8.71 -1.98 -40.27
N CYS A 428 -7.78 -1.61 -39.37
CA CYS A 428 -7.43 -0.20 -39.05
C CYS A 428 -6.51 0.32 -40.16
N LYS A 429 -6.67 1.60 -40.53
CA LYS A 429 -5.85 2.28 -41.57
C LYS A 429 -4.39 2.36 -41.10
N GLU A 430 -4.19 2.77 -39.83
CA GLU A 430 -2.84 2.95 -39.21
C GLU A 430 -2.68 1.95 -38.04
N TYR A 431 -1.48 1.37 -37.92
CA TYR A 431 -1.11 0.31 -36.94
C TYR A 431 0.30 0.56 -36.39
N ASP A 432 0.52 0.24 -35.12
CA ASP A 432 1.85 0.24 -34.45
C ASP A 432 2.20 -1.19 -34.01
N VAL A 433 3.25 -1.79 -34.61
CA VAL A 433 3.73 -3.17 -34.32
C VAL A 433 4.85 -3.10 -33.27
N ALA A 434 4.62 -3.64 -32.08
CA ALA A 434 5.55 -3.63 -30.93
C ALA A 434 6.78 -4.47 -31.25
N PRO A 435 7.98 -4.07 -30.76
CA PRO A 435 9.24 -4.54 -31.32
C PRO A 435 9.47 -6.06 -31.33
N GLU A 436 9.49 -6.71 -30.16
CA GLU A 436 9.86 -8.15 -30.03
C GLU A 436 8.59 -9.01 -29.93
N VAL A 437 7.61 -8.59 -29.11
CA VAL A 437 6.32 -9.33 -28.88
C VAL A 437 5.54 -9.41 -30.20
N GLY A 438 5.67 -8.40 -31.07
CA GLY A 438 5.11 -8.39 -32.43
C GLY A 438 3.67 -7.88 -32.48
N HIS A 439 2.99 -7.79 -31.32
CA HIS A 439 1.55 -7.44 -31.19
C HIS A 439 1.29 -6.06 -31.82
N LYS A 440 0.34 -5.99 -32.76
CA LYS A 440 -0.03 -4.74 -33.50
C LYS A 440 -1.13 -4.00 -32.72
N PHE A 441 -1.04 -2.67 -32.67
CA PHE A 441 -1.98 -1.78 -31.92
C PHE A 441 -2.59 -0.76 -32.90
N CYS A 442 -3.92 -0.69 -32.92
CA CYS A 442 -4.74 0.20 -33.79
C CYS A 442 -4.51 1.66 -33.39
N LYS A 443 -4.54 2.57 -34.37
CA LYS A 443 -4.19 4.01 -34.18
C LYS A 443 -5.27 4.91 -34.80
N ASP A 444 -6.50 4.39 -34.96
CA ASP A 444 -7.62 5.09 -35.63
C ASP A 444 -8.51 5.78 -34.59
N PHE A 445 -8.61 5.22 -33.39
CA PHE A 445 -9.44 5.74 -32.28
C PHE A 445 -8.65 5.64 -30.97
N PRO A 446 -8.59 6.71 -30.14
CA PRO A 446 -7.96 6.62 -28.83
C PRO A 446 -8.52 5.45 -27.99
N GLY A 447 -7.66 4.53 -27.59
CA GLY A 447 -8.00 3.33 -26.79
C GLY A 447 -8.50 3.71 -25.41
N PHE A 448 -9.30 2.84 -24.79
CA PHE A 448 -9.98 3.07 -23.48
C PHE A 448 -8.96 3.55 -22.45
N ILE A 449 -7.95 2.72 -22.13
CA ILE A 449 -6.93 3.03 -21.08
C ILE A 449 -6.07 4.22 -21.54
N PRO A 450 -5.38 4.15 -22.70
CA PRO A 450 -4.58 5.28 -23.18
C PRO A 450 -5.31 6.63 -23.03
N SER A 451 -6.60 6.66 -23.42
CA SER A 451 -7.50 7.84 -23.35
C SER A 451 -7.53 8.41 -21.93
N LEU A 452 -7.87 7.56 -20.95
CA LEU A 452 -7.98 7.94 -19.50
C LEU A 452 -6.60 8.32 -18.97
N LEU A 453 -5.56 7.55 -19.31
CA LEU A 453 -4.15 7.81 -18.90
C LEU A 453 -3.73 9.17 -19.46
N GLY A 454 -4.13 9.47 -20.70
CA GLY A 454 -3.97 10.81 -21.31
C GLY A 454 -4.56 11.90 -20.44
N ASP A 455 -5.86 11.78 -20.11
CA ASP A 455 -6.64 12.76 -19.32
C ASP A 455 -6.00 12.96 -17.94
N LEU A 456 -5.54 11.89 -17.29
CA LEU A 456 -4.89 11.93 -15.94
C LEU A 456 -3.69 12.88 -15.99
N LEU A 457 -2.77 12.64 -16.92
CA LEU A 457 -1.51 13.43 -17.10
C LEU A 457 -1.89 14.86 -17.51
N GLU A 458 -2.82 14.98 -18.45
CA GLU A 458 -3.44 16.27 -18.88
C GLU A 458 -3.81 17.09 -17.64
N GLU A 459 -4.54 16.47 -16.69
CA GLU A 459 -5.07 17.12 -15.47
C GLU A 459 -3.94 17.41 -14.47
N ARG A 460 -2.95 16.51 -14.36
CA ARG A 460 -1.83 16.64 -13.39
C ARG A 460 -1.10 17.96 -13.62
N GLN A 461 -1.01 18.41 -14.88
CA GLN A 461 -0.35 19.68 -15.28
C GLN A 461 -1.27 20.87 -14.94
N LYS A 462 -2.59 20.71 -15.09
CA LYS A 462 -3.61 21.71 -14.67
C LYS A 462 -3.47 21.97 -13.16
N ILE A 463 -3.25 20.91 -12.37
CA ILE A 463 -3.18 20.96 -10.88
C ILE A 463 -1.85 21.59 -10.45
N LYS A 464 -0.75 21.27 -11.15
CA LYS A 464 0.61 21.79 -10.86
C LYS A 464 0.69 23.27 -11.24
N ARG A 465 -0.17 23.73 -12.15
CA ARG A 465 -0.30 25.16 -12.53
C ARG A 465 -1.09 25.91 -11.45
N LYS A 466 -2.23 25.36 -11.02
CA LYS A 466 -3.12 25.94 -9.97
C LYS A 466 -2.35 26.03 -8.64
N MET A 467 -1.31 25.20 -8.46
CA MET A 467 -0.44 25.17 -7.25
C MET A 467 0.41 26.46 -7.18
N LYS A 468 1.16 26.74 -8.24
CA LYS A 468 2.06 27.93 -8.36
C LYS A 468 1.26 29.21 -8.09
N ALA A 469 -0.02 29.23 -8.47
CA ALA A 469 -0.96 30.35 -8.25
C ALA A 469 -1.43 30.39 -6.79
N THR A 470 -2.07 29.30 -6.33
CA THR A 470 -2.71 29.17 -4.99
C THR A 470 -1.82 29.80 -3.92
N VAL A 471 -2.32 30.86 -3.26
CA VAL A 471 -1.62 31.64 -2.19
C VAL A 471 -1.71 30.87 -0.86
N ASP A 472 -2.91 30.35 -0.54
CA ASP A 472 -3.19 29.58 0.70
C ASP A 472 -2.30 28.34 0.75
N PRO A 473 -1.43 28.20 1.78
CA PRO A 473 -0.59 27.00 1.93
C PRO A 473 -1.41 25.71 2.13
N LEU A 474 -2.59 25.82 2.74
CA LEU A 474 -3.53 24.69 2.98
C LEU A 474 -3.96 24.10 1.63
N GLU A 475 -4.36 24.95 0.68
CA GLU A 475 -4.76 24.56 -0.70
C GLU A 475 -3.54 23.99 -1.43
N LYS A 476 -2.38 24.66 -1.31
CA LYS A 476 -1.11 24.25 -1.96
C LYS A 476 -0.69 22.86 -1.48
N LYS A 477 -1.08 22.48 -0.25
CA LYS A 477 -0.84 21.13 0.32
C LYS A 477 -1.82 20.13 -0.30
N LEU A 478 -3.12 20.47 -0.31
CA LEU A 478 -4.21 19.58 -0.80
C LEU A 478 -4.12 19.44 -2.33
N LEU A 479 -3.63 20.47 -3.03
CA LEU A 479 -3.40 20.44 -4.50
C LEU A 479 -2.25 19.48 -4.81
N ASP A 480 -1.21 19.48 -3.96
CA ASP A 480 0.02 18.66 -4.13
C ASP A 480 -0.33 17.18 -4.01
N TYR A 481 -1.16 16.81 -3.03
CA TYR A 481 -1.63 15.42 -2.79
C TYR A 481 -2.35 14.91 -4.04
N ARG A 482 -3.25 15.74 -4.59
CA ARG A 482 -4.09 15.40 -5.78
C ARG A 482 -3.20 14.94 -6.92
N GLN A 483 -2.21 15.77 -7.28
CA GLN A 483 -1.32 15.56 -8.46
C GLN A 483 -0.32 14.43 -8.18
N ARG A 484 0.21 14.35 -6.95
CA ARG A 484 1.17 13.29 -6.51
C ARG A 484 0.49 11.92 -6.60
N LEU A 485 -0.79 11.84 -6.25
CA LEU A 485 -1.61 10.59 -6.31
C LEU A 485 -1.89 10.22 -7.76
N ILE A 486 -2.31 11.19 -8.58
CA ILE A 486 -2.60 11.02 -10.04
C ILE A 486 -1.39 10.35 -10.70
N LYS A 487 -0.17 10.80 -10.39
CA LYS A 487 1.10 10.26 -10.96
C LYS A 487 1.22 8.76 -10.62
N ILE A 488 0.88 8.38 -9.38
CA ILE A 488 0.95 6.98 -8.89
C ILE A 488 -0.11 6.14 -9.63
N LEU A 489 -1.35 6.62 -9.66
CA LEU A 489 -2.48 5.97 -10.39
C LEU A 489 -2.09 5.79 -11.86
N ALA A 490 -1.34 6.75 -12.42
CA ALA A 490 -0.88 6.74 -13.82
C ALA A 490 0.11 5.60 -14.07
N ASN A 491 1.14 5.50 -13.23
CA ASN A 491 2.24 4.50 -13.37
C ASN A 491 1.76 3.11 -12.92
N SER A 492 0.55 3.00 -12.35
CA SER A 492 -0.06 1.74 -11.89
C SER A 492 -0.68 0.95 -13.04
N PHE A 493 -1.02 1.60 -14.17
CA PHE A 493 -1.83 1.01 -15.27
C PHE A 493 -1.07 -0.15 -15.95
N TYR A 494 0.24 -0.03 -16.18
CA TYR A 494 1.06 -1.11 -16.80
C TYR A 494 0.98 -2.37 -15.93
N GLY A 495 1.10 -2.21 -14.61
CA GLY A 495 1.05 -3.31 -13.62
C GLY A 495 -0.32 -3.99 -13.61
N TYR A 496 -1.39 -3.19 -13.67
CA TYR A 496 -2.79 -3.66 -13.73
C TYR A 496 -3.00 -4.50 -15.00
N TYR A 497 -2.28 -4.19 -16.09
CA TYR A 497 -2.28 -4.96 -17.36
C TYR A 497 -1.72 -6.38 -17.13
N GLY A 498 -0.67 -6.51 -16.31
CA GLY A 498 0.02 -7.78 -16.05
C GLY A 498 -0.58 -8.55 -14.88
N TYR A 499 -1.68 -8.06 -14.30
CA TYR A 499 -2.32 -8.59 -13.06
C TYR A 499 -3.42 -9.58 -13.43
N ALA A 500 -3.22 -10.87 -13.12
CA ALA A 500 -4.11 -11.99 -13.51
C ALA A 500 -5.51 -11.84 -12.91
N LYS A 501 -5.64 -11.22 -11.72
CA LYS A 501 -6.93 -11.03 -11.01
C LYS A 501 -7.72 -9.86 -11.62
N ALA A 502 -7.07 -9.02 -12.43
CA ALA A 502 -7.63 -7.76 -12.98
C ALA A 502 -8.68 -8.04 -14.05
N ARG A 503 -9.77 -7.26 -14.04
CA ARG A 503 -10.86 -7.29 -15.06
C ARG A 503 -10.25 -7.05 -16.45
N TRP A 504 -9.60 -5.90 -16.64
CA TRP A 504 -8.95 -5.51 -17.92
C TRP A 504 -7.51 -6.04 -17.96
N TYR A 505 -7.31 -7.34 -17.69
CA TYR A 505 -6.04 -8.07 -17.92
C TYR A 505 -5.71 -8.01 -19.42
N CYS A 506 -4.42 -7.90 -19.75
CA CYS A 506 -3.90 -7.90 -21.15
C CYS A 506 -2.40 -8.23 -21.12
N LYS A 507 -2.06 -9.51 -21.22
CA LYS A 507 -0.66 -10.01 -21.23
C LYS A 507 0.09 -9.35 -22.39
N GLU A 508 -0.54 -9.32 -23.57
CA GLU A 508 0.02 -8.73 -24.82
C GLU A 508 0.38 -7.25 -24.59
N CYS A 509 -0.52 -6.50 -23.95
CA CYS A 509 -0.37 -5.06 -23.65
C CYS A 509 0.85 -4.83 -22.74
N ALA A 510 0.92 -5.56 -21.63
CA ALA A 510 2.02 -5.49 -20.63
C ALA A 510 3.36 -5.81 -21.31
N GLU A 511 3.43 -6.93 -22.02
CA GLU A 511 4.64 -7.47 -22.69
C GLU A 511 5.16 -6.46 -23.73
N SER A 512 4.26 -5.73 -24.39
CA SER A 512 4.57 -4.75 -25.47
C SER A 512 5.12 -3.45 -24.86
N VAL A 513 4.52 -2.99 -23.76
CA VAL A 513 4.96 -1.79 -23.00
C VAL A 513 6.43 -1.97 -22.62
N THR A 514 6.77 -3.13 -22.01
CA THR A 514 8.14 -3.47 -21.56
C THR A 514 9.06 -3.61 -22.77
N ALA A 515 8.58 -4.28 -23.82
CA ALA A 515 9.32 -4.55 -25.08
C ALA A 515 9.82 -3.23 -25.68
N TRP A 516 8.94 -2.26 -25.84
CA TRP A 516 9.30 -0.90 -26.33
C TRP A 516 10.33 -0.29 -25.37
N GLY A 517 10.02 -0.28 -24.07
CA GLY A 517 10.93 0.18 -23.01
C GLY A 517 12.37 -0.22 -23.29
N ARG A 518 12.59 -1.51 -23.60
CA ARG A 518 13.92 -2.09 -23.90
C ARG A 518 14.49 -1.43 -25.17
N GLU A 519 13.70 -1.39 -26.24
CA GLU A 519 14.08 -0.80 -27.56
C GLU A 519 14.70 0.58 -27.31
N TYR A 520 14.00 1.41 -26.55
CA TYR A 520 14.30 2.86 -26.36
C TYR A 520 15.53 3.06 -25.48
N ILE A 521 15.55 2.47 -24.27
CA ILE A 521 16.69 2.61 -23.31
C ILE A 521 17.98 2.13 -23.98
N GLU A 522 17.91 1.02 -24.73
CA GLU A 522 19.10 0.38 -25.37
C GLU A 522 19.60 1.29 -26.50
N MET A 523 18.68 1.93 -27.23
CA MET A 523 18.99 2.83 -28.38
C MET A 523 19.65 4.13 -27.88
N VAL A 524 19.24 4.62 -26.71
CA VAL A 524 19.84 5.81 -26.03
C VAL A 524 21.29 5.47 -25.67
N ILE A 525 21.49 4.39 -24.91
CA ILE A 525 22.83 3.87 -24.48
C ILE A 525 23.76 3.74 -25.69
N ARG A 526 23.23 3.19 -26.79
CA ARG A 526 23.96 2.95 -28.07
C ARG A 526 24.39 4.30 -28.65
N GLU A 527 23.46 5.26 -28.75
CA GLU A 527 23.70 6.63 -29.26
C GLU A 527 24.67 7.37 -28.34
N LEU A 528 24.51 7.19 -27.02
CA LEU A 528 25.29 7.93 -25.97
C LEU A 528 26.76 7.49 -26.01
N GLU A 529 27.02 6.21 -26.32
CA GLU A 529 28.38 5.60 -26.31
C GLU A 529 29.06 5.79 -27.66
N GLU A 530 28.28 5.79 -28.75
CA GLU A 530 28.80 5.89 -30.15
C GLU A 530 28.89 7.36 -30.56
N LYS A 531 27.74 8.03 -30.69
CA LYS A 531 27.64 9.44 -31.20
C LYS A 531 28.41 10.39 -30.28
N PHE A 532 28.43 10.10 -28.97
CA PHE A 532 29.14 10.88 -27.92
C PHE A 532 30.08 9.93 -27.17
N GLY A 533 31.13 10.47 -26.54
CA GLY A 533 32.24 9.68 -26.00
C GLY A 533 31.98 9.18 -24.59
N PHE A 534 30.72 9.04 -24.19
CA PHE A 534 30.32 8.62 -22.82
C PHE A 534 30.54 7.11 -22.65
N LYS A 535 30.81 6.68 -21.42
CA LYS A 535 30.78 5.26 -20.98
C LYS A 535 29.60 5.11 -20.01
N VAL A 536 28.61 4.28 -20.35
CA VAL A 536 27.42 4.03 -19.49
C VAL A 536 27.81 3.03 -18.40
N LEU A 537 28.02 3.52 -17.19
CA LEU A 537 28.51 2.74 -16.02
C LEU A 537 27.46 1.72 -15.58
N TYR A 538 26.17 2.08 -15.66
CA TYR A 538 25.04 1.23 -15.22
C TYR A 538 23.75 1.73 -15.87
N ALA A 539 22.72 0.87 -15.94
CA ALA A 539 21.35 1.20 -16.42
C ALA A 539 20.38 0.15 -15.88
N ASP A 540 19.08 0.49 -15.84
CA ASP A 540 18.03 -0.34 -15.18
C ASP A 540 16.64 0.14 -15.63
N THR A 541 16.11 -0.47 -16.69
CA THR A 541 14.74 -0.26 -17.24
C THR A 541 14.69 1.05 -18.04
N ASP A 542 14.70 2.21 -17.36
CA ASP A 542 14.36 3.52 -17.98
C ASP A 542 15.41 4.61 -17.67
N GLY A 543 16.46 4.30 -16.91
CA GLY A 543 17.49 5.26 -16.51
C GLY A 543 18.90 4.73 -16.74
N LEU A 544 19.89 5.61 -16.75
CA LEU A 544 21.33 5.23 -16.89
C LEU A 544 22.21 6.20 -16.11
N HIS A 545 23.34 5.71 -15.60
CA HIS A 545 24.47 6.50 -15.04
C HIS A 545 25.63 6.42 -16.04
N ALA A 546 26.19 7.56 -16.43
CA ALA A 546 27.25 7.66 -17.47
C ALA A 546 28.27 8.74 -17.09
N THR A 547 29.37 8.79 -17.84
CA THR A 547 30.50 9.73 -17.64
C THR A 547 31.43 9.69 -18.86
N ILE A 548 32.28 10.70 -19.00
CA ILE A 548 33.41 10.74 -19.97
C ILE A 548 34.69 10.58 -19.16
N PRO A 549 35.16 9.33 -18.96
CA PRO A 549 36.13 9.00 -17.91
C PRO A 549 37.11 10.10 -17.48
N GLY A 550 37.95 10.59 -18.40
CA GLY A 550 39.02 11.56 -18.10
C GLY A 550 38.48 12.93 -17.74
N ALA A 551 37.32 13.29 -18.30
CA ALA A 551 36.75 14.67 -18.32
C ALA A 551 36.49 15.18 -16.91
N ASP A 552 36.36 16.51 -16.79
CA ASP A 552 36.01 17.25 -15.54
C ASP A 552 34.49 17.37 -15.46
N ALA A 553 33.98 17.76 -14.28
CA ALA A 553 32.54 17.86 -13.94
C ALA A 553 31.82 18.78 -14.93
N GLU A 554 32.41 19.94 -15.20
CA GLU A 554 31.84 20.99 -16.10
C GLU A 554 31.61 20.40 -17.49
N THR A 555 32.63 19.70 -18.04
CA THR A 555 32.60 19.08 -19.39
C THR A 555 31.53 18.00 -19.44
N VAL A 556 31.58 17.03 -18.52
CA VAL A 556 30.55 15.94 -18.39
C VAL A 556 29.16 16.56 -18.51
N LYS A 557 28.88 17.57 -17.68
CA LYS A 557 27.57 18.27 -17.59
C LYS A 557 27.19 18.84 -18.97
N LYS A 558 28.06 19.67 -19.55
CA LYS A 558 27.83 20.32 -20.87
C LYS A 558 27.46 19.25 -21.91
N LYS A 559 28.37 18.29 -22.14
CA LYS A 559 28.25 17.24 -23.18
C LYS A 559 27.00 16.39 -22.94
N ALA A 560 26.62 16.18 -21.68
CA ALA A 560 25.39 15.45 -21.29
C ALA A 560 24.16 16.24 -21.75
N LYS A 561 24.10 17.53 -21.38
CA LYS A 561 23.01 18.46 -21.79
C LYS A 561 22.95 18.54 -23.32
N GLU A 562 24.12 18.57 -23.98
CA GLU A 562 24.25 18.56 -25.47
C GLU A 562 23.53 17.33 -26.04
N PHE A 563 23.70 16.17 -25.38
CA PHE A 563 23.15 14.86 -25.83
C PHE A 563 21.62 14.90 -25.85
N LEU A 564 21.00 15.33 -24.75
CA LEU A 564 19.51 15.48 -24.64
C LEU A 564 18.98 16.28 -25.83
N LYS A 565 19.61 17.43 -26.12
CA LYS A 565 19.25 18.33 -27.25
C LYS A 565 19.31 17.55 -28.57
N TYR A 566 20.20 16.54 -28.65
CA TYR A 566 20.44 15.71 -29.87
C TYR A 566 19.42 14.56 -29.96
N ILE A 567 19.24 13.81 -28.88
CA ILE A 567 18.47 12.53 -28.87
C ILE A 567 16.96 12.82 -28.92
N ASN A 568 16.48 13.76 -28.09
CA ASN A 568 15.04 13.93 -27.74
C ASN A 568 14.19 14.10 -29.00
N PRO A 569 14.60 14.93 -30.00
CA PRO A 569 13.87 15.04 -31.26
C PRO A 569 13.80 13.76 -32.11
N LYS A 570 14.74 12.82 -31.91
CA LYS A 570 14.80 11.53 -32.64
C LYS A 570 13.90 10.49 -31.96
N LEU A 571 13.46 10.76 -30.73
CA LEU A 571 12.53 9.88 -29.97
C LEU A 571 11.10 10.18 -30.40
N PRO A 572 10.20 9.16 -30.46
CA PRO A 572 8.83 9.35 -30.90
C PRO A 572 7.83 9.77 -29.80
N GLY A 573 6.75 10.45 -30.21
CA GLY A 573 5.55 10.72 -29.39
C GLY A 573 5.90 11.44 -28.09
N LEU A 574 5.50 10.86 -26.95
CA LEU A 574 5.65 11.46 -25.60
C LEU A 574 7.02 11.10 -25.00
N LEU A 575 7.75 10.14 -25.59
CA LEU A 575 9.08 9.69 -25.07
C LEU A 575 10.07 10.86 -25.14
N GLU A 576 10.77 11.11 -24.03
CA GLU A 576 11.63 12.31 -23.82
C GLU A 576 12.62 12.03 -22.68
N LEU A 577 13.91 12.04 -22.98
CA LEU A 577 15.00 11.81 -22.00
C LEU A 577 15.23 13.10 -21.20
N GLU A 578 15.57 12.96 -19.92
CA GLU A 578 15.73 14.08 -18.95
C GLU A 578 17.04 13.91 -18.16
N TYR A 579 17.72 15.02 -17.90
CA TYR A 579 18.90 15.13 -16.99
C TYR A 579 18.36 15.30 -15.57
N GLU A 580 18.70 14.40 -14.65
CA GLU A 580 18.08 14.34 -13.30
C GLU A 580 19.12 14.01 -12.23
N GLY A 581 20.36 14.48 -12.37
CA GLY A 581 21.37 14.36 -11.31
C GLY A 581 22.79 14.32 -11.83
N PHE A 582 23.69 15.07 -11.17
CA PHE A 582 25.17 14.96 -11.28
C PHE A 582 25.74 14.60 -9.91
N TYR A 583 26.77 13.74 -9.89
CA TYR A 583 27.41 13.23 -8.65
C TYR A 583 28.94 13.33 -8.78
N VAL A 584 29.59 13.92 -7.76
CA VAL A 584 31.06 14.11 -7.69
C VAL A 584 31.75 12.76 -7.93
N ARG A 585 31.26 11.71 -7.27
CA ARG A 585 31.79 10.33 -7.37
C ARG A 585 30.67 9.31 -7.15
N GLY A 586 30.85 8.09 -7.65
CA GLY A 586 29.86 7.01 -7.59
C GLY A 586 30.51 5.64 -7.46
N PHE A 587 29.78 4.69 -6.88
CA PHE A 587 30.26 3.32 -6.53
C PHE A 587 29.20 2.30 -6.93
N PHE A 588 29.43 1.56 -8.01
CA PHE A 588 28.53 0.49 -8.53
C PHE A 588 29.11 -0.87 -8.15
N VAL A 589 28.30 -1.71 -7.50
CA VAL A 589 28.72 -2.99 -6.87
C VAL A 589 28.20 -4.16 -7.73
N THR A 590 26.88 -4.34 -7.77
CA THR A 590 26.17 -5.35 -8.62
C THR A 590 24.89 -4.72 -9.16
N LYS A 591 24.19 -5.45 -10.03
CA LYS A 591 22.83 -5.07 -10.49
C LYS A 591 21.97 -4.82 -9.24
N LYS A 592 21.38 -3.63 -9.13
CA LYS A 592 20.47 -3.20 -8.04
C LYS A 592 21.25 -2.58 -6.86
N LYS A 593 22.57 -2.74 -6.79
CA LYS A 593 23.38 -2.34 -5.61
C LYS A 593 24.47 -1.34 -6.01
N TYR A 594 24.33 -0.08 -5.56
CA TYR A 594 25.25 1.05 -5.90
C TYR A 594 24.97 2.25 -4.99
N ALA A 595 25.93 3.17 -4.89
CA ALA A 595 25.86 4.40 -4.07
C ALA A 595 26.59 5.56 -4.76
N VAL A 596 26.05 6.77 -4.66
CA VAL A 596 26.63 8.03 -5.23
C VAL A 596 26.63 9.09 -4.12
N ILE A 597 27.43 10.15 -4.30
CA ILE A 597 27.44 11.36 -3.42
C ILE A 597 27.42 12.60 -4.33
N ASP A 598 26.46 13.50 -4.10
CA ASP A 598 26.25 14.72 -4.94
C ASP A 598 27.31 15.77 -4.58
N GLU A 599 27.32 16.88 -5.32
CA GLU A 599 28.26 18.02 -5.14
C GLU A 599 28.17 18.54 -3.70
N GLU A 600 27.00 18.46 -3.09
CA GLU A 600 26.67 19.06 -1.77
C GLU A 600 26.97 18.09 -0.61
N GLY A 601 27.28 16.82 -0.92
CA GLY A 601 27.82 15.84 0.04
C GLY A 601 26.83 14.76 0.45
N LYS A 602 25.59 14.80 -0.06
CA LYS A 602 24.52 13.84 0.31
C LYS A 602 24.74 12.51 -0.43
N ILE A 603 25.08 11.44 0.30
CA ILE A 603 25.25 10.06 -0.25
C ILE A 603 23.86 9.46 -0.51
N THR A 604 23.57 9.07 -1.74
CA THR A 604 22.36 8.29 -2.14
C THR A 604 22.74 6.81 -2.24
N THR A 605 21.97 5.93 -1.61
CA THR A 605 22.28 4.47 -1.47
C THR A 605 21.12 3.63 -2.01
N ARG A 606 21.43 2.67 -2.87
CA ARG A 606 20.45 1.83 -3.59
C ARG A 606 20.85 0.35 -3.46
N GLY A 607 19.95 -0.47 -2.91
CA GLY A 607 20.07 -1.95 -2.88
C GLY A 607 20.88 -2.47 -1.70
N LEU A 608 22.02 -1.83 -1.42
CA LEU A 608 23.03 -2.30 -0.42
C LEU A 608 22.37 -2.51 0.96
N GLU A 609 22.93 -3.45 1.73
CA GLU A 609 22.36 -3.98 3.01
C GLU A 609 21.88 -2.83 3.91
N ILE A 610 22.51 -1.66 3.82
CA ILE A 610 22.10 -0.40 4.52
C ILE A 610 20.58 -0.23 4.42
N VAL A 611 20.02 -0.28 3.21
CA VAL A 611 18.59 0.07 2.93
C VAL A 611 17.71 -1.15 3.23
N ARG A 612 18.25 -2.37 3.14
CA ARG A 612 17.51 -3.63 3.41
C ARG A 612 17.08 -3.66 4.88
N ARG A 613 15.89 -4.16 5.18
CA ARG A 613 15.30 -4.20 6.54
C ARG A 613 15.39 -5.62 7.12
N ASP A 614 16.06 -6.54 6.43
CA ASP A 614 16.30 -7.93 6.91
C ASP A 614 17.78 -8.09 7.25
N TRP A 615 18.41 -7.01 7.75
CA TRP A 615 19.85 -6.97 8.15
C TRP A 615 19.99 -6.23 9.49
N SER A 616 20.74 -6.81 10.43
CA SER A 616 21.03 -6.26 11.78
C SER A 616 21.60 -4.84 11.65
N GLU A 617 21.06 -3.90 12.43
CA GLU A 617 21.39 -2.45 12.35
C GLU A 617 22.91 -2.24 12.43
N ILE A 618 23.64 -3.11 13.13
CA ILE A 618 25.13 -3.01 13.26
C ILE A 618 25.77 -3.24 11.89
N ALA A 619 25.32 -4.25 11.13
CA ALA A 619 25.83 -4.57 9.76
C ALA A 619 25.55 -3.39 8.83
N LYS A 620 24.36 -2.80 8.93
CA LYS A 620 23.89 -1.67 8.10
C LYS A 620 24.65 -0.40 8.51
N GLU A 621 24.67 -0.10 9.80
CA GLU A 621 25.42 1.04 10.41
C GLU A 621 26.90 0.93 10.02
N THR A 622 27.49 -0.25 10.20
CA THR A 622 28.91 -0.55 9.87
C THR A 622 29.16 -0.25 8.39
N GLN A 623 28.35 -0.86 7.51
CA GLN A 623 28.45 -0.68 6.03
C GLN A 623 28.33 0.81 5.70
N ALA A 624 27.38 1.50 6.33
CA ALA A 624 27.05 2.93 6.08
C ALA A 624 28.28 3.81 6.33
N ARG A 625 29.06 3.49 7.36
CA ARG A 625 30.27 4.26 7.79
C ARG A 625 31.46 3.85 6.92
N VAL A 626 31.64 2.55 6.69
CA VAL A 626 32.70 1.97 5.80
C VAL A 626 32.36 2.29 4.34
N LEU A 627 31.22 2.94 4.06
CA LEU A 627 30.80 3.43 2.72
C LEU A 627 31.06 4.94 2.62
N GLU A 628 30.70 5.69 3.66
CA GLU A 628 31.02 7.14 3.79
C GLU A 628 32.54 7.32 3.78
N ALA A 629 33.27 6.40 4.42
CA ALA A 629 34.75 6.43 4.58
C ALA A 629 35.45 6.38 3.22
N ILE A 630 34.81 5.78 2.21
CA ILE A 630 35.36 5.65 0.81
C ILE A 630 34.80 6.78 -0.07
N LEU A 631 33.57 7.25 0.19
CA LEU A 631 32.90 8.27 -0.66
C LEU A 631 33.14 9.68 -0.11
N LYS A 632 32.38 10.11 0.91
CA LYS A 632 32.44 11.49 1.47
C LYS A 632 33.90 11.88 1.70
N HIS A 633 34.67 11.00 2.36
CA HIS A 633 36.14 11.06 2.53
C HIS A 633 36.76 9.91 1.74
N GLY A 634 37.98 10.09 1.22
CA GLY A 634 38.64 9.11 0.32
C GLY A 634 39.54 8.15 1.08
N ASP A 635 39.27 7.92 2.37
CA ASP A 635 40.17 7.22 3.32
C ASP A 635 39.75 5.74 3.42
N VAL A 636 40.26 4.89 2.52
CA VAL A 636 40.00 3.42 2.47
C VAL A 636 40.55 2.77 3.76
N GLU A 637 41.59 3.37 4.35
CA GLU A 637 42.17 2.94 5.66
C GLU A 637 41.12 3.12 6.77
N GLU A 638 40.46 4.28 6.81
CA GLU A 638 39.43 4.66 7.81
C GLU A 638 38.36 3.55 7.88
N ALA A 639 37.94 3.04 6.72
CA ALA A 639 36.94 1.95 6.59
C ALA A 639 37.51 0.65 7.18
N VAL A 640 38.75 0.30 6.82
CA VAL A 640 39.50 -0.84 7.40
C VAL A 640 39.46 -0.72 8.93
N ARG A 641 39.76 0.47 9.45
CA ARG A 641 39.81 0.78 10.91
C ARG A 641 38.40 0.64 11.52
N ILE A 642 37.39 1.23 10.87
CA ILE A 642 35.96 1.20 11.33
C ILE A 642 35.50 -0.25 11.47
N VAL A 643 35.79 -1.08 10.47
CA VAL A 643 35.43 -2.54 10.43
C VAL A 643 36.17 -3.28 11.55
N LYS A 644 37.45 -2.94 11.78
CA LYS A 644 38.33 -3.60 12.78
C LYS A 644 37.85 -3.29 14.21
N GLU A 645 37.23 -2.13 14.42
CA GLU A 645 36.68 -1.68 15.73
C GLU A 645 35.33 -2.38 16.00
N VAL A 646 34.43 -2.36 15.01
CA VAL A 646 33.03 -2.90 15.11
C VAL A 646 33.08 -4.42 15.30
N THR A 647 34.19 -5.06 14.94
CA THR A 647 34.42 -6.54 15.11
C THR A 647 34.81 -6.84 16.55
N GLU A 648 35.85 -6.19 17.08
CA GLU A 648 36.37 -6.39 18.46
C GLU A 648 35.27 -6.06 19.48
N LYS A 649 34.50 -4.99 19.23
CA LYS A 649 33.36 -4.56 20.08
C LYS A 649 32.35 -5.70 20.19
N LEU A 650 32.02 -6.34 19.06
CA LEU A 650 31.13 -7.53 18.98
C LEU A 650 31.81 -8.73 19.67
N SER A 651 33.11 -8.90 19.44
CA SER A 651 33.95 -9.98 20.03
C SER A 651 33.97 -9.86 21.56
N LYS A 652 34.10 -8.63 22.08
CA LYS A 652 34.14 -8.32 23.55
C LYS A 652 32.73 -7.97 24.05
N TYR A 653 31.70 -8.61 23.48
CA TYR A 653 30.27 -8.52 23.89
C TYR A 653 29.90 -7.12 24.38
N GLU A 654 30.30 -6.08 23.64
CA GLU A 654 30.13 -4.64 24.03
C GLU A 654 29.09 -3.96 23.11
N VAL A 655 28.52 -4.68 22.14
CA VAL A 655 27.52 -4.14 21.17
C VAL A 655 26.13 -4.28 21.78
N PRO A 656 25.34 -3.19 21.90
CA PRO A 656 24.01 -3.26 22.52
C PRO A 656 23.06 -4.17 21.75
N PRO A 657 22.24 -5.01 22.43
CA PRO A 657 21.44 -6.03 21.76
C PRO A 657 20.46 -5.50 20.71
N GLU A 658 19.83 -4.35 20.99
CA GLU A 658 18.82 -3.68 20.11
C GLU A 658 19.33 -3.65 18.66
N LYS A 659 20.66 -3.47 18.48
CA LYS A 659 21.31 -3.34 17.15
C LYS A 659 21.46 -4.71 16.46
N LEU A 660 21.32 -5.81 17.21
CA LEU A 660 21.51 -7.20 16.70
C LEU A 660 20.16 -7.79 16.26
N VAL A 661 19.08 -7.01 16.28
CA VAL A 661 17.70 -7.50 15.99
C VAL A 661 17.54 -7.64 14.46
N ILE A 662 16.93 -8.75 14.04
CA ILE A 662 16.73 -9.14 12.60
C ILE A 662 15.23 -9.26 12.35
N HIS A 663 14.67 -8.42 11.48
CA HIS A 663 13.23 -8.34 11.14
C HIS A 663 12.97 -9.07 9.82
N GLU A 664 12.01 -10.01 9.81
CA GLU A 664 11.59 -10.79 8.62
C GLU A 664 10.07 -10.98 8.66
N GLN A 665 9.40 -10.70 7.55
CA GLN A 665 7.92 -10.82 7.39
C GLN A 665 7.56 -12.29 7.16
N ILE A 666 6.55 -12.80 7.87
CA ILE A 666 5.87 -14.09 7.57
C ILE A 666 4.84 -13.81 6.46
N THR A 667 5.06 -14.35 5.26
CA THR A 667 4.35 -13.98 4.01
C THR A 667 3.04 -14.75 3.87
N ARG A 668 3.02 -16.01 4.30
CA ARG A 668 1.90 -16.97 4.04
C ARG A 668 1.50 -17.67 5.34
N ASP A 669 0.47 -18.54 5.25
CA ASP A 669 0.01 -19.43 6.35
C ASP A 669 1.17 -20.37 6.72
N LEU A 670 1.58 -20.36 7.99
CA LEU A 670 2.85 -20.98 8.49
C LEU A 670 2.97 -22.45 8.04
N ARG A 671 1.84 -23.18 7.98
CA ARG A 671 1.81 -24.62 7.59
C ARG A 671 2.26 -24.79 6.14
N ASP A 672 1.94 -23.82 5.27
CA ASP A 672 2.15 -23.89 3.79
C ASP A 672 3.65 -23.89 3.46
N TYR A 673 4.50 -23.32 4.33
CA TYR A 673 5.97 -23.18 4.13
C TYR A 673 6.57 -24.54 3.74
N LYS A 674 7.52 -24.51 2.78
CA LYS A 674 8.29 -25.70 2.32
C LYS A 674 9.53 -25.85 3.20
N ALA A 675 10.53 -24.98 3.02
CA ALA A 675 11.78 -24.94 3.82
C ALA A 675 11.61 -23.95 4.98
N THR A 676 12.35 -24.17 6.08
CA THR A 676 12.25 -23.37 7.34
C THR A 676 13.48 -22.47 7.49
N GLY A 677 13.28 -21.16 7.43
CA GLY A 677 14.28 -20.14 7.81
C GLY A 677 14.28 -19.95 9.32
N PRO A 678 15.33 -19.32 9.90
CA PRO A 678 15.32 -18.90 11.31
C PRO A 678 14.08 -18.10 11.74
N HIS A 679 13.49 -17.31 10.84
CA HIS A 679 12.32 -16.44 11.13
C HIS A 679 11.02 -17.26 11.14
N VAL A 680 10.95 -18.33 10.34
CA VAL A 680 9.82 -19.30 10.33
C VAL A 680 9.88 -20.14 11.60
N ALA A 681 11.07 -20.67 11.93
CA ALA A 681 11.36 -21.46 13.15
C ALA A 681 10.76 -20.75 14.37
N VAL A 682 11.14 -19.49 14.57
CA VAL A 682 10.68 -18.61 15.71
C VAL A 682 9.15 -18.49 15.67
N ALA A 683 8.57 -18.34 14.47
CA ALA A 683 7.11 -18.20 14.25
C ALA A 683 6.38 -19.49 14.66
N LYS A 684 6.95 -20.65 14.34
CA LYS A 684 6.37 -21.99 14.62
C LYS A 684 6.38 -22.26 16.13
N ARG A 685 7.41 -21.80 16.84
CA ARG A 685 7.55 -21.97 18.31
C ARG A 685 6.57 -21.04 19.04
N LEU A 686 6.45 -19.79 18.57
CA LEU A 686 5.52 -18.77 19.14
C LEU A 686 4.07 -19.17 18.89
N ALA A 687 3.80 -19.93 17.83
CA ALA A 687 2.45 -20.41 17.44
C ALA A 687 1.95 -21.47 18.42
N ALA A 688 2.85 -22.32 18.93
CA ALA A 688 2.58 -23.35 19.97
C ALA A 688 2.06 -22.67 21.24
N ARG A 689 2.60 -21.50 21.57
CA ARG A 689 2.25 -20.69 22.78
C ARG A 689 1.04 -19.79 22.49
N GLY A 690 0.49 -19.86 21.27
CA GLY A 690 -0.79 -19.24 20.89
C GLY A 690 -0.64 -17.76 20.52
N VAL A 691 0.56 -17.32 20.15
CA VAL A 691 0.82 -15.96 19.60
C VAL A 691 0.21 -15.91 18.19
N LYS A 692 -0.38 -14.76 17.81
CA LYS A 692 -1.15 -14.59 16.55
C LYS A 692 -0.21 -14.26 15.39
N ILE A 693 0.68 -15.20 15.05
CA ILE A 693 1.65 -15.07 13.91
C ILE A 693 0.90 -15.32 12.60
N ARG A 694 0.19 -14.30 12.11
CA ARG A 694 -0.63 -14.35 10.87
C ARG A 694 0.12 -13.67 9.73
N PRO A 695 -0.19 -14.00 8.45
CA PRO A 695 0.39 -13.31 7.29
C PRO A 695 0.43 -11.78 7.45
N GLY A 696 1.62 -11.19 7.27
CA GLY A 696 1.89 -9.75 7.46
C GLY A 696 2.69 -9.50 8.74
N THR A 697 2.72 -10.48 9.65
CA THR A 697 3.44 -10.41 10.95
C THR A 697 4.95 -10.30 10.68
N VAL A 698 5.64 -9.46 11.45
CA VAL A 698 7.13 -9.27 11.39
C VAL A 698 7.75 -9.99 12.59
N ILE A 699 8.63 -10.96 12.32
CA ILE A 699 9.40 -11.73 13.35
C ILE A 699 10.69 -10.96 13.67
N SER A 700 10.72 -10.27 14.82
CA SER A 700 11.94 -9.68 15.43
C SER A 700 12.61 -10.75 16.29
N TYR A 701 13.90 -11.02 16.07
CA TYR A 701 14.64 -12.12 16.76
C TYR A 701 16.15 -11.83 16.80
N ILE A 702 16.84 -12.45 17.76
CA ILE A 702 18.32 -12.38 17.97
C ILE A 702 18.89 -13.81 17.93
N VAL A 703 20.05 -13.99 17.30
CA VAL A 703 20.79 -15.28 17.23
C VAL A 703 21.62 -15.44 18.51
N LEU A 704 21.39 -16.53 19.26
CA LEU A 704 22.07 -16.83 20.56
C LEU A 704 23.29 -17.70 20.30
N LYS A 705 24.20 -17.78 21.29
CA LYS A 705 25.50 -18.47 21.19
C LYS A 705 25.29 -19.99 21.06
N GLY A 706 26.13 -20.65 20.25
CA GLY A 706 26.10 -22.11 20.03
C GLY A 706 26.70 -22.49 18.69
N SER A 707 26.17 -23.56 18.08
CA SER A 707 26.59 -24.10 16.75
C SER A 707 25.35 -24.64 16.01
N GLY A 708 25.57 -25.31 14.88
CA GLY A 708 24.52 -26.00 14.10
C GLY A 708 23.71 -25.03 13.26
N ARG A 709 22.38 -25.09 13.38
CA ARG A 709 21.40 -24.29 12.60
C ARG A 709 21.25 -22.91 13.26
N ILE A 710 21.24 -21.84 12.46
CA ILE A 710 21.08 -20.43 12.93
C ILE A 710 19.66 -20.26 13.52
N GLY A 711 18.70 -21.03 13.03
CA GLY A 711 17.28 -20.95 13.43
C GLY A 711 16.99 -21.54 14.80
N ASP A 712 17.74 -22.57 15.20
CA ASP A 712 17.55 -23.28 16.50
C ASP A 712 18.21 -22.49 17.63
N ARG A 713 18.96 -21.44 17.30
CA ARG A 713 19.59 -20.50 18.28
C ARG A 713 18.84 -19.16 18.28
N ALA A 714 17.78 -19.04 17.48
CA ALA A 714 17.01 -17.79 17.26
C ALA A 714 15.89 -17.67 18.29
N ILE A 715 15.92 -16.60 19.10
CA ILE A 715 14.89 -16.24 20.13
C ILE A 715 14.29 -14.89 19.76
N PRO A 716 13.00 -14.64 20.07
CA PRO A 716 12.42 -13.30 19.90
C PRO A 716 13.23 -12.20 20.61
N ALA A 717 13.27 -11.00 20.02
CA ALA A 717 14.00 -9.81 20.54
C ALA A 717 13.43 -9.39 21.90
N ASP A 718 12.10 -9.44 22.04
CA ASP A 718 11.37 -9.14 23.31
C ASP A 718 11.92 -9.99 24.44
N GLU A 719 12.28 -11.26 24.15
CA GLU A 719 12.62 -12.30 25.16
C GLU A 719 14.14 -12.52 25.25
N PHE A 720 14.95 -11.47 25.02
CA PHE A 720 16.42 -11.51 25.22
C PHE A 720 16.74 -11.04 26.64
N ASP A 721 17.58 -11.80 27.35
CA ASP A 721 18.02 -11.53 28.75
C ASP A 721 19.54 -11.68 28.81
N PRO A 722 20.31 -10.56 28.87
CA PRO A 722 21.77 -10.63 28.88
C PRO A 722 22.36 -11.57 29.95
N THR A 723 21.83 -11.54 31.18
CA THR A 723 22.29 -12.36 32.33
C THR A 723 22.11 -13.85 32.00
N LYS A 724 20.95 -14.24 31.48
CA LYS A 724 20.56 -15.66 31.22
C LYS A 724 21.42 -16.21 30.08
N HIS A 725 21.13 -15.81 28.83
CA HIS A 725 21.80 -16.28 27.60
C HIS A 725 22.42 -15.09 26.86
N ARG A 726 23.63 -15.29 26.30
CA ARG A 726 24.42 -14.26 25.56
C ARG A 726 24.06 -14.37 24.07
N TYR A 727 24.72 -13.57 23.21
CA TYR A 727 24.49 -13.58 21.73
C TYR A 727 25.68 -14.24 21.02
N ASP A 728 25.53 -14.50 19.71
CA ASP A 728 26.50 -15.23 18.86
C ASP A 728 27.40 -14.21 18.15
N ALA A 729 28.54 -13.87 18.74
CA ALA A 729 29.55 -12.93 18.20
C ALA A 729 30.09 -13.46 16.87
N GLU A 730 30.14 -14.79 16.70
CA GLU A 730 30.59 -15.48 15.46
C GLU A 730 29.65 -15.11 14.31
N TYR A 731 28.34 -15.22 14.53
CA TYR A 731 27.28 -14.92 13.52
C TYR A 731 27.36 -13.46 13.11
N TYR A 732 27.13 -12.55 14.05
CA TYR A 732 27.07 -11.08 13.81
C TYR A 732 28.43 -10.55 13.35
N ILE A 733 29.47 -11.40 13.35
CA ILE A 733 30.81 -11.10 12.74
C ILE A 733 30.85 -11.66 11.31
N GLU A 734 30.76 -12.98 11.17
CA GLU A 734 31.01 -13.72 9.89
C GLU A 734 29.81 -13.61 8.94
N ASN A 735 28.58 -13.53 9.48
CA ASN A 735 27.33 -13.66 8.68
C ASN A 735 26.65 -12.30 8.47
N GLN A 736 27.17 -11.20 9.04
CA GLN A 736 26.50 -9.87 9.00
C GLN A 736 27.52 -8.75 8.73
N VAL A 737 28.33 -8.39 9.73
CA VAL A 737 29.22 -7.19 9.70
C VAL A 737 30.25 -7.33 8.58
N LEU A 738 30.99 -8.45 8.56
CA LEU A 738 32.13 -8.70 7.62
C LEU A 738 31.62 -8.75 6.17
N PRO A 739 30.59 -9.56 5.85
CA PRO A 739 30.04 -9.62 4.48
C PRO A 739 29.67 -8.24 3.91
N ALA A 740 28.76 -7.52 4.58
CA ALA A 740 28.23 -6.20 4.17
C ALA A 740 29.39 -5.22 3.93
N VAL A 741 30.38 -5.20 4.84
CA VAL A 741 31.59 -4.34 4.77
C VAL A 741 32.45 -4.77 3.57
N GLU A 742 32.63 -6.08 3.38
CA GLU A 742 33.54 -6.64 2.33
C GLU A 742 32.97 -6.36 0.93
N ARG A 743 31.65 -6.22 0.80
CA ARG A 743 30.99 -5.87 -0.49
C ARG A 743 31.66 -4.60 -1.04
N ILE A 744 31.75 -3.56 -0.20
CA ILE A 744 32.40 -2.27 -0.53
C ILE A 744 33.91 -2.51 -0.70
N LEU A 745 34.55 -3.13 0.29
CA LEU A 745 36.04 -3.18 0.44
C LEU A 745 36.67 -4.22 -0.52
N LYS A 746 35.89 -5.17 -1.02
CA LYS A 746 36.36 -6.23 -1.97
C LYS A 746 37.00 -5.58 -3.21
N ALA A 747 36.47 -4.42 -3.65
CA ALA A 747 36.91 -3.66 -4.83
C ALA A 747 38.30 -3.03 -4.62
N PHE A 748 38.71 -2.84 -3.35
CA PHE A 748 39.97 -2.17 -2.95
C PHE A 748 41.03 -3.23 -2.59
N GLY A 749 40.81 -4.48 -2.98
CA GLY A 749 41.79 -5.58 -2.87
C GLY A 749 41.99 -6.04 -1.43
N TYR A 750 40.92 -6.04 -0.64
CA TYR A 750 40.88 -6.54 0.76
C TYR A 750 40.24 -7.93 0.80
N ARG A 751 40.73 -8.80 1.70
CA ARG A 751 40.12 -10.12 2.02
C ARG A 751 39.25 -9.95 3.28
N LYS A 752 38.29 -10.86 3.49
CA LYS A 752 37.41 -10.88 4.69
C LYS A 752 38.27 -11.13 5.93
N GLU A 753 39.18 -12.11 5.86
CA GLU A 753 40.11 -12.52 6.95
C GLU A 753 40.82 -11.29 7.53
N ASP A 754 41.19 -10.32 6.68
CA ASP A 754 41.97 -9.10 7.04
C ASP A 754 41.22 -8.28 8.09
N LEU A 755 39.90 -8.12 7.93
CA LEU A 755 39.09 -7.10 8.64
C LEU A 755 38.71 -7.57 10.06
N ARG A 756 38.82 -8.87 10.35
CA ARG A 756 38.38 -9.51 11.62
C ARG A 756 39.22 -9.02 12.80
N TYR A 757 38.69 -9.13 14.02
CA TYR A 757 39.35 -8.75 15.30
C TYR A 757 39.89 -10.01 16.00
O11 PPV D . 7.41 14.04 -14.14
P1 PPV D . 7.70 15.28 -13.34
O21 PPV D . 8.97 15.97 -13.74
O31 PPV D . 6.51 16.23 -13.28
OPP PPV D . 7.93 14.77 -11.82
P2 PPV D . 8.05 15.54 -10.41
O12 PPV D . 9.45 15.25 -9.90
O22 PPV D . 7.82 17.00 -10.70
O32 PPV D . 6.98 14.95 -9.51
CA CA E . 18.73 7.47 -8.79
CA CA F . 11.54 10.34 -14.52
O9 B9X G . 11.46 1.55 -14.27
C10 B9X G . 11.70 2.67 -13.87
O1 B9X G . 13.03 2.95 -13.34
C5 B9X G . 13.17 2.85 -11.92
C8 B9X G . 14.32 1.93 -11.53
C9 B9X G . 15.04 2.49 -10.31
P B9X G . 17.13 2.02 -8.80
O B9X G . 13.79 0.66 -11.14
C7 B9X G . 12.37 0.73 -11.22
C6 B9X G . 11.99 2.20 -11.25
N2 B9X G . 11.62 0.13 -10.09
C1 B9X G . 10.76 -0.85 -10.23
N1 B9X G . 10.38 -1.57 -11.31
C B9X G . 9.47 -2.55 -11.17
C4 B9X G . 11.64 0.52 -8.81
N3 B9X G . 10.78 -0.25 -8.11
C2 B9X G . 10.23 -1.11 -8.99
C3 B9X G . 9.30 -2.12 -8.87
N4 B9X G . 8.77 -2.39 -7.65
N B9X G . 8.94 -2.82 -9.97
C11 B9X G . 10.63 3.75 -13.91
C12 B9X G . 9.65 3.52 -15.07
O6 B9X G . 8.40 3.04 -14.56
C13 B9X G . 8.34 1.63 -14.29
C14 B9X G . 8.38 1.37 -12.78
O7 B9X G . 7.19 0.66 -12.41
C15 B9X G . 6.78 0.89 -11.05
C16 B9X G . 5.42 0.26 -10.82
O10 B9X G . 16.12 1.62 -9.98
O11 B9X G . 16.67 3.34 -8.21
O12 B9X G . 18.49 2.19 -9.43
#